data_8V90
#
_entry.id   8V90
#
_cell.length_a   43.100
_cell.length_b   43.169
_cell.length_c   115.826
_cell.angle_alpha   99.070
_cell.angle_beta   97.020
_cell.angle_gamma   95.970
#
_symmetry.space_group_name_H-M   'P 1'
#
loop_
_entity.id
_entity.type
_entity.pdbx_description
1 polymer 'HTH-type transcriptional regulator TtgR'
2 non-polymer nalterxone
3 non-polymer 'MAGNESIUM ION'
4 water water
#
_entity_poly.entity_id   1
_entity_poly.type   'polypeptide(L)'
_entity_poly.pdbx_seq_one_letter_code
;SMVRRTKEEAQETRAQIIEAAERAFYKRGVARTTLADIAELAGVTRGAIYWHFNNKAELVQALLDSLHETHDHLLRASES
EDEVDPLGCMRKLWLQVFNELVLDARTRRIMEILFHKCEFTDDMCEIRQQRQSAVLDCHKGITLALANAVRRGQLPGELD
AERAAVAMFAYVDGLIRRWLLLPDSVDLLGDVEKWVDTGLDMLRLSPALRK
;
_entity_poly.pdbx_strand_id   A,B,C,D
#
# COMPACT_ATOMS: atom_id res chain seq x y z
N THR A 6 -25.96 14.50 19.61
CA THR A 6 -27.29 13.94 19.49
C THR A 6 -27.27 12.42 19.61
N LYS A 7 -28.24 11.88 20.33
CA LYS A 7 -28.24 10.46 20.68
C LYS A 7 -28.44 9.58 19.45
N GLU A 8 -29.56 9.77 18.75
CA GLU A 8 -29.91 8.85 17.67
C GLU A 8 -28.92 8.93 16.52
N GLU A 9 -28.43 10.13 16.21
CA GLU A 9 -27.51 10.28 15.09
C GLU A 9 -26.21 9.50 15.33
N ALA A 10 -25.74 9.46 16.57
CA ALA A 10 -24.50 8.76 16.86
C ALA A 10 -24.64 7.26 16.63
N GLN A 11 -25.75 6.67 17.08
CA GLN A 11 -25.99 5.26 16.78
C GLN A 11 -26.28 5.07 15.28
N GLU A 12 -26.98 6.04 14.68
CA GLU A 12 -27.11 6.11 13.23
C GLU A 12 -25.76 5.90 12.56
N THR A 13 -24.76 6.69 12.98
CA THR A 13 -23.47 6.72 12.29
C THR A 13 -22.66 5.47 12.57
N ARG A 14 -22.68 4.98 13.80
CA ARG A 14 -21.95 3.76 14.13
C ARG A 14 -22.42 2.60 13.27
N ALA A 15 -23.73 2.50 13.04
CA ALA A 15 -24.25 1.42 12.20
C ALA A 15 -23.77 1.56 10.77
N GLN A 16 -23.76 2.78 10.24
CA GLN A 16 -23.20 3.01 8.90
C GLN A 16 -21.76 2.53 8.83
N ILE A 17 -20.98 2.81 9.86
CA ILE A 17 -19.56 2.43 9.86
C ILE A 17 -19.42 0.92 9.91
N ILE A 18 -20.15 0.27 10.81
CA ILE A 18 -20.07 -1.18 10.93
C ILE A 18 -20.49 -1.84 9.61
N GLU A 19 -21.58 -1.35 9.01
CA GLU A 19 -22.03 -1.89 7.74
C GLU A 19 -20.98 -1.69 6.66
N ALA A 20 -20.37 -0.51 6.60
CA ALA A 20 -19.32 -0.27 5.63
C ALA A 20 -18.07 -1.09 5.94
N ALA A 21 -17.79 -1.32 7.23
CA ALA A 21 -16.67 -2.15 7.61
C ALA A 21 -16.83 -3.57 7.08
N GLU A 22 -18.06 -4.11 7.13
CA GLU A 22 -18.31 -5.43 6.60
C GLU A 22 -18.02 -5.49 5.11
N ARG A 23 -18.53 -4.52 4.35
CA ARG A 23 -18.26 -4.50 2.91
C ARG A 23 -16.78 -4.42 2.63
N ALA A 24 -16.06 -3.54 3.34
CA ALA A 24 -14.65 -3.34 3.08
C ALA A 24 -13.84 -4.58 3.46
N PHE A 25 -14.09 -5.12 4.66
CA PHE A 25 -13.36 -6.31 5.09
C PHE A 25 -13.64 -7.49 4.18
N TYR A 26 -14.88 -7.61 3.70
CA TYR A 26 -15.22 -8.75 2.85
C TYR A 26 -14.52 -8.66 1.49
N LYS A 27 -14.38 -7.44 0.96
CA LYS A 27 -13.79 -7.28 -0.35
C LYS A 27 -12.26 -7.36 -0.30
N ARG A 28 -11.65 -6.68 0.68
CA ARG A 28 -10.21 -6.50 0.68
C ARG A 28 -9.51 -7.16 1.86
N GLY A 29 -10.24 -7.77 2.79
CA GLY A 29 -9.64 -8.36 3.95
C GLY A 29 -9.30 -7.32 5.01
N VAL A 30 -9.10 -7.82 6.24
CA VAL A 30 -8.87 -6.93 7.37
C VAL A 30 -7.46 -6.34 7.32
N ALA A 31 -6.48 -7.16 6.91
CA ALA A 31 -5.08 -6.74 7.02
C ALA A 31 -4.81 -5.44 6.28
N ARG A 32 -5.35 -5.30 5.07
CA ARG A 32 -5.04 -4.16 4.21
C ARG A 32 -6.10 -3.06 4.27
N THR A 33 -7.17 -3.26 5.03
CA THR A 33 -8.20 -2.25 5.20
C THR A 33 -7.81 -1.34 6.36
N THR A 34 -7.94 -0.03 6.16
CA THR A 34 -7.73 0.95 7.21
C THR A 34 -9.06 1.58 7.61
N LEU A 35 -9.07 2.19 8.81
CA LEU A 35 -10.25 2.91 9.24
C LEU A 35 -10.59 4.05 8.27
N ALA A 36 -9.55 4.73 7.75
CA ALA A 36 -9.79 5.80 6.79
C ALA A 36 -10.52 5.29 5.56
N ASP A 37 -10.17 4.10 5.08
CA ASP A 37 -10.86 3.53 3.93
C ASP A 37 -12.30 3.17 4.27
N ILE A 38 -12.54 2.69 5.49
CA ILE A 38 -13.92 2.36 5.88
C ILE A 38 -14.75 3.64 5.95
N ALA A 39 -14.20 4.71 6.53
CA ALA A 39 -14.92 5.97 6.59
C ALA A 39 -15.28 6.45 5.19
N GLU A 40 -14.40 6.21 4.21
CA GLU A 40 -14.69 6.60 2.84
C GLU A 40 -15.91 5.86 2.30
N LEU A 41 -15.97 4.55 2.54
CA LEU A 41 -17.13 3.77 2.09
C LEU A 41 -18.40 4.21 2.80
N ALA A 42 -18.31 4.47 4.11
CA ALA A 42 -19.49 4.79 4.90
C ALA A 42 -20.03 6.19 4.64
N GLY A 43 -19.26 7.05 3.98
CA GLY A 43 -19.68 8.43 3.80
C GLY A 43 -19.64 9.25 5.08
N VAL A 44 -18.70 8.95 5.98
CA VAL A 44 -18.52 9.70 7.21
C VAL A 44 -17.19 10.43 7.14
N THR A 45 -17.13 11.62 7.74
CA THR A 45 -15.99 12.50 7.58
C THR A 45 -15.64 13.17 8.90
N ARG A 46 -14.61 14.01 8.87
CA ARG A 46 -14.19 14.79 10.03
C ARG A 46 -13.79 13.90 11.21
N GLY A 47 -13.15 12.78 10.91
CA GLY A 47 -12.68 11.89 11.96
C GLY A 47 -13.76 11.14 12.70
N ALA A 48 -15.00 11.16 12.19
CA ALA A 48 -16.10 10.52 12.90
C ALA A 48 -15.79 9.07 13.25
N ILE A 49 -15.15 8.34 12.32
CA ILE A 49 -14.91 6.92 12.56
C ILE A 49 -14.04 6.72 13.80
N TYR A 50 -13.12 7.64 14.06
CA TYR A 50 -12.22 7.49 15.21
C TYR A 50 -12.92 7.79 16.54
N TRP A 51 -14.02 8.54 16.51
CA TRP A 51 -14.80 8.74 17.71
C TRP A 51 -15.62 7.51 18.08
N HIS A 52 -15.93 6.65 17.11
CA HIS A 52 -16.67 5.42 17.37
C HIS A 52 -15.77 4.21 17.56
N PHE A 53 -14.54 4.24 17.04
CA PHE A 53 -13.65 3.09 17.14
C PHE A 53 -12.22 3.57 17.28
N ASN A 54 -11.49 2.98 18.22
CA ASN A 54 -10.09 3.34 18.41
C ASN A 54 -9.21 2.77 17.31
N ASN A 55 -9.55 1.59 16.80
CA ASN A 55 -8.71 0.91 15.82
C ASN A 55 -9.55 -0.15 15.11
N LYS A 56 -8.91 -0.86 14.18
CA LYS A 56 -9.61 -1.91 13.45
C LYS A 56 -10.08 -3.02 14.36
N ALA A 57 -9.27 -3.34 15.39
CA ALA A 57 -9.63 -4.44 16.28
C ALA A 57 -10.97 -4.20 16.95
N GLU A 58 -11.26 -2.94 17.32
CA GLU A 58 -12.56 -2.62 17.88
C GLU A 58 -13.67 -2.88 16.86
N LEU A 59 -13.39 -2.60 15.58
CA LEU A 59 -14.38 -2.88 14.54
C LEU A 59 -14.59 -4.37 14.37
N VAL A 60 -13.50 -5.15 14.35
CA VAL A 60 -13.64 -6.60 14.25
C VAL A 60 -14.41 -7.13 15.45
N GLN A 61 -14.11 -6.62 16.65
CA GLN A 61 -14.82 -7.08 17.84
C GLN A 61 -16.30 -6.74 17.77
N ALA A 62 -16.63 -5.58 17.19
CA ALA A 62 -18.04 -5.22 17.02
C ALA A 62 -18.74 -6.24 16.13
N LEU A 63 -18.13 -6.57 14.99
N LEU A 63 -18.12 -6.58 15.00
CA LEU A 63 -18.70 -7.58 14.11
CA LEU A 63 -18.72 -7.58 14.11
C LEU A 63 -18.87 -8.91 14.83
C LEU A 63 -18.87 -8.92 14.82
N LEU A 64 -17.85 -9.32 15.60
CA LEU A 64 -17.92 -10.59 16.31
C LEU A 64 -18.99 -10.54 17.40
N ASP A 65 -19.11 -9.40 18.09
CA ASP A 65 -20.14 -9.27 19.13
C ASP A 65 -21.54 -9.28 18.54
N SER A 66 -21.70 -8.78 17.32
CA SER A 66 -23.03 -8.69 16.72
C SER A 66 -23.65 -10.06 16.50
N LEU A 67 -22.86 -11.13 16.51
CA LEU A 67 -23.39 -12.47 16.29
C LEU A 67 -24.10 -13.04 17.51
N HIS A 68 -23.80 -12.52 18.70
CA HIS A 68 -24.36 -13.04 19.95
C HIS A 68 -25.79 -12.59 20.20
N GLU A 69 -26.35 -11.73 19.35
CA GLU A 69 -27.62 -11.08 19.67
C GLU A 69 -28.81 -11.96 19.32
N THR A 70 -28.84 -12.51 18.11
CA THR A 70 -30.00 -13.29 17.69
C THR A 70 -30.25 -14.49 18.58
N HIS A 71 -29.19 -15.05 19.16
CA HIS A 71 -29.28 -16.29 19.92
C HIS A 71 -29.33 -16.08 21.43
N ASP A 72 -29.33 -14.82 21.88
CA ASP A 72 -29.20 -14.54 23.31
C ASP A 72 -30.20 -15.34 24.13
N HIS A 73 -31.44 -15.46 23.65
CA HIS A 73 -32.48 -16.11 24.46
C HIS A 73 -32.26 -17.61 24.54
N LEU A 74 -31.89 -18.26 23.42
CA LEU A 74 -31.62 -19.69 23.47
C LEU A 74 -30.36 -20.00 24.26
N LEU A 75 -29.36 -19.12 24.22
CA LEU A 75 -28.21 -19.27 25.10
C LEU A 75 -28.65 -19.24 26.57
N ARG A 76 -29.39 -18.20 26.95
CA ARG A 76 -29.85 -18.08 28.33
C ARG A 76 -30.62 -19.33 28.76
N ALA A 77 -31.58 -19.75 27.94
CA ALA A 77 -32.41 -20.90 28.32
C ALA A 77 -31.57 -22.14 28.58
N SER A 78 -30.62 -22.43 27.68
CA SER A 78 -29.83 -23.64 27.83
C SER A 78 -28.90 -23.59 29.03
N GLU A 79 -28.52 -22.40 29.48
CA GLU A 79 -27.62 -22.25 30.60
C GLU A 79 -28.33 -22.14 31.94
N SER A 80 -29.64 -21.97 31.94
CA SER A 80 -30.38 -21.74 33.19
C SER A 80 -30.69 -23.07 33.88
N GLU A 81 -30.43 -23.12 35.19
CA GLU A 81 -30.78 -24.31 35.96
C GLU A 81 -32.28 -24.53 36.02
N ASP A 82 -33.07 -23.45 35.95
CA ASP A 82 -34.52 -23.55 35.97
C ASP A 82 -35.10 -24.02 34.64
N GLU A 83 -34.29 -24.10 33.60
CA GLU A 83 -34.80 -24.56 32.30
C GLU A 83 -35.20 -26.03 32.38
N VAL A 84 -36.39 -26.34 31.88
CA VAL A 84 -36.86 -27.72 31.96
C VAL A 84 -36.19 -28.60 30.90
N ASP A 85 -35.89 -28.05 29.72
CA ASP A 85 -35.35 -28.81 28.60
C ASP A 85 -34.06 -28.16 28.13
N PRO A 86 -32.99 -28.26 28.93
CA PRO A 86 -31.71 -27.64 28.52
C PRO A 86 -31.12 -28.27 27.27
N LEU A 87 -31.27 -29.59 27.10
CA LEU A 87 -30.75 -30.22 25.88
C LEU A 87 -31.58 -29.83 24.66
N GLY A 88 -32.90 -29.82 24.79
CA GLY A 88 -33.74 -29.38 23.70
C GLY A 88 -33.50 -27.93 23.32
N CYS A 89 -33.22 -27.09 24.32
CA CYS A 89 -32.90 -25.70 24.04
C CYS A 89 -31.55 -25.56 23.32
N MET A 90 -30.57 -26.37 23.72
CA MET A 90 -29.31 -26.39 23.00
C MET A 90 -29.50 -26.83 21.56
N ARG A 91 -30.32 -27.86 21.34
CA ARG A 91 -30.64 -28.29 19.98
C ARG A 91 -31.24 -27.13 19.18
N LYS A 92 -32.23 -26.45 19.76
CA LYS A 92 -32.83 -25.30 19.09
C LYS A 92 -31.78 -24.22 18.81
N LEU A 93 -30.80 -24.07 19.69
CA LEU A 93 -29.76 -23.07 19.48
C LEU A 93 -28.96 -23.37 18.21
N TRP A 94 -28.37 -24.57 18.14
CA TRP A 94 -27.57 -24.92 16.98
C TRP A 94 -28.39 -24.94 15.70
N LEU A 95 -29.67 -25.32 15.81
CA LEU A 95 -30.55 -25.19 14.65
C LEU A 95 -30.64 -23.75 14.19
N GLN A 96 -30.76 -22.82 15.15
CA GLN A 96 -30.84 -21.40 14.81
C GLN A 96 -29.50 -20.90 14.28
N VAL A 97 -28.39 -21.34 14.88
CA VAL A 97 -27.07 -20.92 14.42
C VAL A 97 -26.89 -21.30 12.96
N PHE A 98 -27.22 -22.55 12.60
CA PHE A 98 -27.05 -22.99 11.22
C PHE A 98 -28.05 -22.30 10.30
N ASN A 99 -29.30 -22.12 10.75
CA ASN A 99 -30.30 -21.50 9.89
C ASN A 99 -29.93 -20.05 9.59
N GLU A 100 -29.50 -19.31 10.61
CA GLU A 100 -29.11 -17.93 10.38
C GLU A 100 -27.90 -17.85 9.44
N LEU A 101 -26.96 -18.77 9.59
CA LEU A 101 -25.78 -18.77 8.72
C LEU A 101 -26.19 -18.91 7.25
N VAL A 102 -27.05 -19.88 6.96
CA VAL A 102 -27.42 -20.14 5.57
C VAL A 102 -28.37 -19.06 5.04
N LEU A 103 -29.29 -18.59 5.88
CA LEU A 103 -30.33 -17.68 5.42
C LEU A 103 -29.90 -16.20 5.47
N ASP A 104 -29.14 -15.80 6.48
CA ASP A 104 -28.82 -14.39 6.66
C ASP A 104 -27.54 -14.04 5.93
N ALA A 105 -27.62 -13.08 5.01
CA ALA A 105 -26.44 -12.61 4.31
C ALA A 105 -25.46 -11.97 5.26
N ARG A 106 -25.95 -11.17 6.22
CA ARG A 106 -25.06 -10.48 7.15
C ARG A 106 -24.25 -11.47 7.97
N THR A 107 -24.92 -12.44 8.58
CA THR A 107 -24.23 -13.40 9.45
C THR A 107 -23.20 -14.19 8.67
N ARG A 108 -23.59 -14.75 7.52
CA ARG A 108 -22.67 -15.56 6.73
C ARG A 108 -21.40 -14.78 6.40
N ARG A 109 -21.56 -13.49 6.12
CA ARG A 109 -20.44 -12.70 5.61
C ARG A 109 -19.59 -12.11 6.72
N ILE A 110 -20.15 -11.91 7.92
CA ILE A 110 -19.33 -11.59 9.08
C ILE A 110 -18.48 -12.80 9.45
N MET A 111 -19.08 -13.99 9.45
CA MET A 111 -18.34 -15.20 9.78
C MET A 111 -17.28 -15.49 8.73
N GLU A 112 -17.60 -15.25 7.45
CA GLU A 112 -16.58 -15.38 6.41
C GLU A 112 -15.44 -14.41 6.66
N ILE A 113 -15.75 -13.18 7.09
CA ILE A 113 -14.71 -12.21 7.41
C ILE A 113 -13.85 -12.73 8.54
N LEU A 114 -14.48 -13.18 9.62
CA LEU A 114 -13.73 -13.56 10.82
C LEU A 114 -12.89 -14.81 10.57
N PHE A 115 -13.39 -15.74 9.77
CA PHE A 115 -12.73 -17.03 9.62
C PHE A 115 -11.76 -17.08 8.44
N HIS A 116 -12.03 -16.32 7.38
CA HIS A 116 -11.28 -16.46 6.14
C HIS A 116 -10.67 -15.16 5.63
N LYS A 117 -10.92 -14.02 6.29
CA LYS A 117 -10.40 -12.74 5.83
C LYS A 117 -9.80 -11.94 6.98
N CYS A 118 -9.37 -12.62 8.03
CA CYS A 118 -8.89 -11.99 9.25
C CYS A 118 -7.63 -12.70 9.72
N GLU A 119 -6.52 -11.99 9.73
CA GLU A 119 -5.24 -12.57 10.12
C GLU A 119 -4.94 -12.30 11.59
N PHE A 120 -4.30 -13.28 12.24
CA PHE A 120 -3.71 -13.09 13.56
C PHE A 120 -2.25 -12.65 13.36
N THR A 121 -1.94 -11.41 13.74
CA THR A 121 -0.58 -10.89 13.60
C THR A 121 -0.18 -10.18 14.89
N ASP A 122 1.14 -10.05 15.08
CA ASP A 122 1.65 -9.45 16.30
C ASP A 122 1.41 -7.95 16.35
N ASP A 123 1.28 -7.30 15.19
CA ASP A 123 0.95 -5.88 15.16
C ASP A 123 -0.53 -5.61 15.35
N MET A 124 -1.35 -6.65 15.44
CA MET A 124 -2.78 -6.52 15.75
C MET A 124 -3.18 -7.65 16.69
N CYS A 125 -2.43 -7.79 17.78
CA CYS A 125 -2.58 -8.93 18.67
C CYS A 125 -3.96 -9.03 19.29
N GLU A 126 -4.72 -7.94 19.31
CA GLU A 126 -6.04 -7.97 19.94
C GLU A 126 -7.02 -8.85 19.19
N ILE A 127 -6.79 -9.12 17.90
CA ILE A 127 -7.73 -9.92 17.13
C ILE A 127 -7.71 -11.37 17.61
N ARG A 128 -6.51 -11.94 17.75
CA ARG A 128 -6.41 -13.31 18.26
C ARG A 128 -6.84 -13.38 19.71
N GLN A 129 -6.45 -12.39 20.52
CA GLN A 129 -6.83 -12.39 21.93
C GLN A 129 -8.34 -12.31 22.10
N GLN A 130 -8.99 -11.46 21.31
CA GLN A 130 -10.45 -11.36 21.39
C GLN A 130 -11.13 -12.59 20.83
N ARG A 131 -10.48 -13.31 19.90
CA ARG A 131 -11.02 -14.58 19.44
C ARG A 131 -10.90 -15.66 20.52
N GLN A 132 -9.76 -15.69 21.22
CA GLN A 132 -9.60 -16.60 22.35
C GLN A 132 -10.69 -16.37 23.40
N SER A 133 -10.95 -15.12 23.73
CA SER A 133 -11.94 -14.81 24.76
C SER A 133 -13.35 -15.22 24.31
N ALA A 134 -13.67 -15.01 23.04
CA ALA A 134 -15.00 -15.38 22.55
C ALA A 134 -15.20 -16.89 22.57
N VAL A 135 -14.19 -17.64 22.14
CA VAL A 135 -14.30 -19.11 22.17
C VAL A 135 -14.37 -19.59 23.61
N LEU A 136 -13.55 -19.03 24.49
CA LEU A 136 -13.58 -19.43 25.90
C LEU A 136 -14.94 -19.14 26.51
N ASP A 137 -15.51 -17.97 26.24
CA ASP A 137 -16.82 -17.64 26.77
C ASP A 137 -17.87 -18.64 26.31
N CYS A 138 -17.83 -18.99 25.02
N CYS A 138 -17.84 -18.98 25.02
CA CYS A 138 -18.79 -19.96 24.50
CA CYS A 138 -18.79 -19.97 24.50
C CYS A 138 -18.59 -21.33 25.14
C CYS A 138 -18.60 -21.32 25.18
N HIS A 139 -17.34 -21.74 25.32
CA HIS A 139 -17.07 -23.02 25.97
C HIS A 139 -17.69 -23.09 27.35
N LYS A 140 -17.56 -22.01 28.12
CA LYS A 140 -18.20 -21.95 29.43
C LYS A 140 -19.71 -22.13 29.32
N GLY A 141 -20.33 -21.48 28.33
CA GLY A 141 -21.76 -21.60 28.17
C GLY A 141 -22.18 -22.99 27.74
N ILE A 142 -21.46 -23.59 26.80
CA ILE A 142 -21.79 -24.95 26.36
C ILE A 142 -21.57 -25.93 27.50
N THR A 143 -20.45 -25.80 28.21
CA THR A 143 -20.17 -26.71 29.33
C THR A 143 -21.28 -26.63 30.37
N LEU A 144 -21.73 -25.41 30.70
CA LEU A 144 -22.76 -25.25 31.71
C LEU A 144 -24.09 -25.82 31.24
N ALA A 145 -24.43 -25.60 29.97
CA ALA A 145 -25.68 -26.14 29.45
C ALA A 145 -25.64 -27.66 29.39
N LEU A 146 -24.49 -28.24 29.06
CA LEU A 146 -24.36 -29.69 29.09
C LEU A 146 -24.50 -30.22 30.52
N ALA A 147 -23.97 -29.48 31.49
CA ALA A 147 -24.10 -29.88 32.88
C ALA A 147 -25.55 -29.80 33.35
N ASN A 148 -26.32 -28.86 32.81
CA ASN A 148 -27.74 -28.79 33.13
C ASN A 148 -28.49 -29.99 32.54
N ALA A 149 -28.11 -30.41 31.33
CA ALA A 149 -28.74 -31.56 30.70
C ALA A 149 -28.41 -32.85 31.46
N VAL A 150 -27.17 -32.98 31.91
CA VAL A 150 -26.79 -34.16 32.69
C VAL A 150 -27.62 -34.23 33.97
N ARG A 151 -27.76 -33.08 34.65
CA ARG A 151 -28.53 -33.05 35.89
C ARG A 151 -30.01 -33.35 35.64
N ARG A 152 -30.53 -32.95 34.48
CA ARG A 152 -31.91 -33.24 34.12
C ARG A 152 -32.10 -34.67 33.64
N GLY A 153 -31.03 -35.46 33.54
CA GLY A 153 -31.14 -36.83 33.06
C GLY A 153 -31.14 -36.97 31.56
N GLN A 154 -30.85 -35.90 30.81
CA GLN A 154 -30.87 -35.94 29.36
C GLN A 154 -29.53 -36.36 28.76
N LEU A 155 -28.45 -36.31 29.53
CA LEU A 155 -27.13 -36.73 29.11
C LEU A 155 -26.55 -37.67 30.13
N PRO A 156 -25.52 -38.44 29.77
CA PRO A 156 -24.95 -39.42 30.71
C PRO A 156 -24.51 -38.74 32.00
N GLY A 157 -24.77 -39.43 33.12
CA GLY A 157 -24.35 -38.90 34.40
C GLY A 157 -22.85 -38.75 34.52
N GLU A 158 -22.09 -39.59 33.82
CA GLU A 158 -20.64 -39.57 33.87
C GLU A 158 -20.01 -38.84 32.69
N LEU A 159 -20.76 -37.94 32.05
CA LEU A 159 -20.22 -37.21 30.91
C LEU A 159 -19.17 -36.21 31.38
N ASP A 160 -18.10 -36.08 30.60
CA ASP A 160 -17.08 -35.06 30.83
C ASP A 160 -17.56 -33.81 30.11
N ALA A 161 -18.32 -32.98 30.83
CA ALA A 161 -18.97 -31.83 30.22
C ALA A 161 -17.97 -30.93 29.50
N GLU A 162 -16.77 -30.78 30.06
CA GLU A 162 -15.78 -29.90 29.46
C GLU A 162 -15.29 -30.46 28.13
N ARG A 163 -14.94 -31.75 28.11
CA ARG A 163 -14.46 -32.35 26.86
C ARG A 163 -15.57 -32.48 25.84
N ALA A 164 -16.80 -32.76 26.30
CA ALA A 164 -17.94 -32.81 25.39
C ALA A 164 -18.25 -31.43 24.82
N ALA A 165 -18.05 -30.37 25.62
CA ALA A 165 -18.23 -29.03 25.11
C ALA A 165 -17.22 -28.73 24.02
N VAL A 166 -15.96 -29.13 24.23
CA VAL A 166 -14.94 -28.96 23.20
C VAL A 166 -15.34 -29.72 21.94
N ALA A 167 -15.77 -30.97 22.10
CA ALA A 167 -16.12 -31.79 20.95
C ALA A 167 -17.27 -31.17 20.15
N MET A 168 -18.32 -30.74 20.84
CA MET A 168 -19.45 -30.14 20.14
C MET A 168 -19.03 -28.88 19.38
N PHE A 169 -18.29 -28.00 20.05
CA PHE A 169 -17.84 -26.77 19.41
C PHE A 169 -16.98 -27.08 18.18
N ALA A 170 -16.04 -28.01 18.33
CA ALA A 170 -15.18 -28.37 17.21
C ALA A 170 -15.99 -28.85 16.02
N TYR A 171 -17.00 -29.68 16.27
CA TYR A 171 -17.83 -30.20 15.18
C TYR A 171 -18.62 -29.07 14.52
N VAL A 172 -19.30 -28.24 15.32
CA VAL A 172 -20.07 -27.13 14.77
C VAL A 172 -19.14 -26.16 14.05
N ASP A 173 -17.98 -25.88 14.65
CA ASP A 173 -17.03 -24.97 14.02
C ASP A 173 -16.58 -25.50 12.67
N GLY A 174 -16.14 -26.75 12.62
CA GLY A 174 -15.69 -27.32 11.36
C GLY A 174 -16.79 -27.37 10.31
N LEU A 175 -18.01 -27.70 10.72
CA LEU A 175 -19.10 -27.80 9.76
C LEU A 175 -19.40 -26.44 9.13
N ILE A 176 -19.44 -25.39 9.95
CA ILE A 176 -19.67 -24.05 9.42
C ILE A 176 -18.61 -23.70 8.39
N ARG A 177 -17.34 -23.88 8.75
CA ARG A 177 -16.25 -23.54 7.83
C ARG A 177 -16.30 -24.40 6.58
N ARG A 178 -16.74 -25.65 6.70
CA ARG A 178 -16.91 -26.50 5.53
C ARG A 178 -17.99 -25.97 4.61
N TRP A 179 -19.09 -25.47 5.18
CA TRP A 179 -20.15 -24.90 4.35
C TRP A 179 -19.72 -23.58 3.73
N LEU A 180 -18.97 -22.77 4.48
CA LEU A 180 -18.49 -21.50 3.93
C LEU A 180 -17.51 -21.73 2.79
N LEU A 181 -16.65 -22.74 2.90
CA LEU A 181 -15.67 -23.02 1.87
C LEU A 181 -16.31 -23.75 0.69
N LEU A 182 -17.12 -24.78 0.97
CA LEU A 182 -17.73 -25.62 -0.05
C LEU A 182 -19.23 -25.68 0.20
N PRO A 183 -19.98 -24.64 -0.16
CA PRO A 183 -21.43 -24.66 0.08
C PRO A 183 -22.14 -25.82 -0.59
N ASP A 184 -21.66 -26.26 -1.76
CA ASP A 184 -22.30 -27.35 -2.47
C ASP A 184 -22.18 -28.68 -1.74
N SER A 185 -21.17 -28.84 -0.90
CA SER A 185 -20.89 -30.13 -0.30
C SER A 185 -21.78 -30.46 0.89
N VAL A 186 -22.41 -29.47 1.50
CA VAL A 186 -23.23 -29.65 2.70
C VAL A 186 -24.55 -28.95 2.49
N ASP A 187 -25.63 -29.72 2.42
CA ASP A 187 -26.99 -29.16 2.43
C ASP A 187 -27.35 -28.83 3.89
N LEU A 188 -26.69 -27.79 4.41
CA LEU A 188 -26.82 -27.46 5.81
C LEU A 188 -28.25 -27.07 6.18
N LEU A 189 -28.99 -26.47 5.24
CA LEU A 189 -30.36 -26.04 5.53
C LEU A 189 -31.35 -27.19 5.42
N GLY A 190 -31.24 -27.99 4.35
CA GLY A 190 -32.19 -29.08 4.15
C GLY A 190 -32.05 -30.19 5.16
N ASP A 191 -30.82 -30.46 5.62
CA ASP A 191 -30.55 -31.52 6.59
C ASP A 191 -30.08 -30.96 7.92
N VAL A 192 -30.49 -29.74 8.25
CA VAL A 192 -29.97 -29.07 9.45
C VAL A 192 -30.21 -29.92 10.69
N GLU A 193 -31.37 -30.58 10.78
CA GLU A 193 -31.65 -31.40 11.95
C GLU A 193 -30.71 -32.60 12.01
N LYS A 194 -30.46 -33.25 10.87
CA LYS A 194 -29.50 -34.34 10.84
C LYS A 194 -28.11 -33.87 11.25
N TRP A 195 -27.71 -32.68 10.80
CA TRP A 195 -26.39 -32.17 11.14
C TRP A 195 -26.30 -31.81 12.62
N VAL A 196 -27.35 -31.21 13.18
CA VAL A 196 -27.34 -30.92 14.61
C VAL A 196 -27.40 -32.21 15.41
N ASP A 197 -28.24 -33.16 15.00
CA ASP A 197 -28.38 -34.39 15.75
C ASP A 197 -27.11 -35.23 15.70
N THR A 198 -26.36 -35.17 14.59
CA THR A 198 -25.12 -35.92 14.50
C THR A 198 -24.16 -35.50 15.62
N GLY A 199 -24.01 -34.19 15.84
CA GLY A 199 -23.13 -33.74 16.90
C GLY A 199 -23.67 -34.06 18.29
N LEU A 200 -24.97 -33.82 18.50
CA LEU A 200 -25.57 -34.18 19.78
C LEU A 200 -25.42 -35.67 20.05
N ASP A 201 -25.58 -36.50 19.02
CA ASP A 201 -25.42 -37.94 19.19
C ASP A 201 -24.03 -38.28 19.70
N MET A 202 -23.00 -37.57 19.21
CA MET A 202 -21.65 -37.79 19.69
C MET A 202 -21.58 -37.58 21.19
N LEU A 203 -22.20 -36.51 21.69
CA LEU A 203 -22.16 -36.22 23.11
C LEU A 203 -22.92 -37.29 23.91
N ARG A 204 -24.03 -37.77 23.35
CA ARG A 204 -24.90 -38.70 24.08
C ARG A 204 -24.33 -40.11 24.13
N LEU A 205 -23.64 -40.55 23.07
CA LEU A 205 -23.34 -41.96 22.89
C LEU A 205 -21.86 -42.31 22.96
N SER A 206 -20.96 -41.37 22.69
CA SER A 206 -19.55 -41.71 22.64
C SER A 206 -19.04 -42.09 24.03
N PRO A 207 -18.57 -43.33 24.24
CA PRO A 207 -17.96 -43.64 25.55
C PRO A 207 -16.68 -42.90 25.81
N ALA A 208 -15.99 -42.42 24.78
CA ALA A 208 -14.75 -41.67 25.01
C ALA A 208 -15.00 -40.38 25.78
N LEU A 209 -16.21 -39.83 25.67
CA LEU A 209 -16.53 -38.55 26.28
C LEU A 209 -16.99 -38.68 27.72
N ARG A 210 -16.86 -39.86 28.32
CA ARG A 210 -17.29 -40.08 29.70
C ARG A 210 -16.07 -40.11 30.62
N LYS A 211 -16.29 -39.69 31.87
CA LYS A 211 -15.21 -39.61 32.85
C LYS A 211 -14.81 -41.01 33.32
N ARG B 5 25.99 -28.68 -8.45
CA ARG B 5 25.24 -28.89 -9.67
C ARG B 5 24.00 -28.00 -9.70
N THR B 6 23.49 -27.74 -10.90
CA THR B 6 22.36 -26.82 -11.05
C THR B 6 21.15 -27.31 -10.26
N LYS B 7 20.79 -28.58 -10.42
CA LYS B 7 19.61 -29.11 -9.75
C LYS B 7 19.74 -29.03 -8.24
N GLU B 8 20.89 -29.45 -7.70
CA GLU B 8 21.08 -29.45 -6.26
C GLU B 8 21.02 -28.04 -5.69
N GLU B 9 21.72 -27.10 -6.34
CA GLU B 9 21.72 -25.73 -5.84
C GLU B 9 20.32 -25.13 -5.86
N ALA B 10 19.54 -25.42 -6.90
CA ALA B 10 18.21 -24.86 -7.00
C ALA B 10 17.29 -25.42 -5.92
N GLN B 11 17.35 -26.73 -5.69
CA GLN B 11 16.55 -27.32 -4.62
C GLN B 11 16.98 -26.77 -3.27
N GLU B 12 18.29 -26.55 -3.09
CA GLU B 12 18.76 -25.89 -1.88
C GLU B 12 18.13 -24.52 -1.73
N THR B 13 18.21 -23.70 -2.79
CA THR B 13 17.67 -22.34 -2.73
C THR B 13 16.16 -22.37 -2.54
N ARG B 14 15.47 -23.32 -3.17
CA ARG B 14 14.02 -23.40 -3.00
C ARG B 14 13.66 -23.64 -1.54
N ALA B 15 14.41 -24.50 -0.85
CA ALA B 15 14.13 -24.80 0.54
C ALA B 15 14.39 -23.58 1.43
N GLN B 16 15.47 -22.84 1.17
CA GLN B 16 15.71 -21.61 1.90
C GLN B 16 14.55 -20.64 1.75
N ILE B 17 14.02 -20.53 0.53
CA ILE B 17 12.92 -19.61 0.27
C ILE B 17 11.67 -20.05 1.02
N ILE B 18 11.35 -21.35 0.95
CA ILE B 18 10.15 -21.85 1.62
C ILE B 18 10.27 -21.67 3.13
N GLU B 19 11.43 -21.99 3.69
CA GLU B 19 11.63 -21.80 5.13
C GLU B 19 11.45 -20.34 5.51
N ALA B 20 12.01 -19.42 4.72
CA ALA B 20 11.87 -18.01 5.03
C ALA B 20 10.44 -17.52 4.84
N ALA B 21 9.72 -18.10 3.89
CA ALA B 21 8.31 -17.73 3.71
C ALA B 21 7.48 -18.11 4.92
N GLU B 22 7.79 -19.26 5.54
CA GLU B 22 7.10 -19.64 6.77
C GLU B 22 7.37 -18.63 7.88
N ARG B 23 8.62 -18.18 8.02
CA ARG B 23 8.94 -17.20 9.04
C ARG B 23 8.26 -15.86 8.75
N ALA B 24 8.23 -15.46 7.49
CA ALA B 24 7.61 -14.19 7.13
C ALA B 24 6.09 -14.25 7.28
N PHE B 25 5.46 -15.24 6.67
CA PHE B 25 4.01 -15.39 6.78
C PHE B 25 3.59 -15.49 8.24
N TYR B 26 4.33 -16.26 9.04
CA TYR B 26 3.94 -16.46 10.43
C TYR B 26 4.04 -15.17 11.23
N LYS B 27 5.03 -14.34 10.94
CA LYS B 27 5.24 -13.14 11.74
C LYS B 27 4.34 -12.00 11.28
N ARG B 28 4.22 -11.78 9.97
CA ARG B 28 3.52 -10.62 9.44
C ARG B 28 2.24 -10.98 8.68
N GLY B 29 1.95 -12.26 8.49
CA GLY B 29 0.79 -12.66 7.73
C GLY B 29 1.06 -12.67 6.24
N VAL B 30 0.19 -13.37 5.51
CA VAL B 30 0.39 -13.55 4.07
C VAL B 30 0.07 -12.26 3.32
N ALA B 31 -0.96 -11.54 3.75
CA ALA B 31 -1.50 -10.45 2.94
C ALA B 31 -0.49 -9.34 2.73
N ARG B 32 0.27 -8.99 3.78
CA ARG B 32 1.18 -7.86 3.73
C ARG B 32 2.63 -8.26 3.47
N THR B 33 2.91 -9.56 3.32
CA THR B 33 4.25 -10.02 2.99
C THR B 33 4.40 -10.09 1.48
N THR B 34 5.56 -9.62 0.99
CA THR B 34 5.89 -9.69 -0.42
C THR B 34 7.04 -10.68 -0.64
N LEU B 35 7.19 -11.10 -1.90
CA LEU B 35 8.30 -11.98 -2.24
C LEU B 35 9.64 -11.28 -2.01
N ALA B 36 9.70 -9.97 -2.26
CA ALA B 36 10.91 -9.23 -1.96
C ALA B 36 11.28 -9.34 -0.49
N ASP B 37 10.28 -9.24 0.40
CA ASP B 37 10.55 -9.43 1.81
C ASP B 37 11.07 -10.84 2.08
N ILE B 38 10.48 -11.84 1.43
CA ILE B 38 10.88 -13.22 1.68
C ILE B 38 12.30 -13.46 1.17
N ALA B 39 12.66 -12.81 0.06
CA ALA B 39 14.02 -12.96 -0.48
C ALA B 39 15.04 -12.43 0.52
N GLU B 40 14.80 -11.24 1.08
CA GLU B 40 15.74 -10.68 2.05
C GLU B 40 15.88 -11.60 3.26
N LEU B 41 14.77 -12.12 3.77
CA LEU B 41 14.83 -13.05 4.89
C LEU B 41 15.58 -14.32 4.51
N ALA B 42 15.31 -14.87 3.32
CA ALA B 42 16.00 -16.06 2.87
C ALA B 42 17.44 -15.78 2.45
N GLY B 43 17.82 -14.53 2.27
CA GLY B 43 19.17 -14.21 1.82
C GLY B 43 19.43 -14.55 0.36
N VAL B 44 18.41 -14.39 -0.50
CA VAL B 44 18.55 -14.62 -1.92
C VAL B 44 18.16 -13.35 -2.65
N THR B 45 18.51 -13.29 -3.93
CA THR B 45 18.16 -12.15 -4.76
C THR B 45 16.68 -12.20 -5.15
N ARG B 46 16.17 -11.06 -5.61
CA ARG B 46 14.78 -11.00 -6.04
C ARG B 46 14.58 -11.79 -7.33
N GLY B 47 15.56 -11.77 -8.23
CA GLY B 47 15.48 -12.62 -9.41
C GLY B 47 15.42 -14.09 -9.05
N ALA B 48 16.18 -14.47 -8.03
CA ALA B 48 16.18 -15.87 -7.60
C ALA B 48 14.81 -16.31 -7.12
N ILE B 49 14.22 -15.55 -6.20
CA ILE B 49 12.92 -15.95 -5.64
C ILE B 49 11.86 -15.97 -6.74
N TYR B 50 11.93 -15.03 -7.67
CA TYR B 50 10.95 -14.98 -8.76
C TYR B 50 11.19 -16.06 -9.81
N TRP B 51 12.35 -16.70 -9.81
CA TRP B 51 12.53 -17.87 -10.65
C TRP B 51 11.78 -19.07 -10.08
N HIS B 52 11.79 -19.20 -8.75
CA HIS B 52 11.17 -20.36 -8.12
C HIS B 52 9.65 -20.22 -7.99
N PHE B 53 9.15 -19.00 -7.84
CA PHE B 53 7.73 -18.77 -7.62
C PHE B 53 7.30 -17.51 -8.36
N ASN B 54 6.22 -17.64 -9.13
CA ASN B 54 5.74 -16.49 -9.89
C ASN B 54 5.04 -15.47 -9.01
N ASN B 55 4.47 -15.89 -7.89
CA ASN B 55 3.70 -14.99 -7.04
C ASN B 55 3.58 -15.62 -5.65
N LYS B 56 2.94 -14.88 -4.75
CA LYS B 56 2.82 -15.33 -3.37
C LYS B 56 1.93 -16.56 -3.26
N ALA B 57 0.88 -16.64 -4.08
CA ALA B 57 -0.03 -17.79 -4.01
C ALA B 57 0.71 -19.09 -4.25
N GLU B 58 1.69 -19.09 -5.16
CA GLU B 58 2.46 -20.30 -5.43
C GLU B 58 3.25 -20.74 -4.22
N LEU B 59 3.76 -19.78 -3.44
CA LEU B 59 4.49 -20.13 -2.23
C LEU B 59 3.56 -20.73 -1.18
N VAL B 60 2.36 -20.17 -1.03
CA VAL B 60 1.39 -20.73 -0.08
C VAL B 60 1.03 -22.15 -0.47
N GLN B 61 0.84 -22.40 -1.77
CA GLN B 61 0.54 -23.75 -2.22
C GLN B 61 1.69 -24.69 -1.90
N ALA B 62 2.93 -24.22 -1.98
CA ALA B 62 4.07 -25.05 -1.64
C ALA B 62 3.98 -25.52 -0.19
N LEU B 63 3.70 -24.60 0.73
CA LEU B 63 3.49 -24.99 2.12
C LEU B 63 2.30 -25.94 2.25
N LEU B 64 1.19 -25.59 1.58
CA LEU B 64 -0.02 -26.42 1.66
C LEU B 64 0.23 -27.84 1.16
N ASP B 65 1.11 -28.00 0.17
CA ASP B 65 1.35 -29.32 -0.39
C ASP B 65 2.26 -30.17 0.50
N SER B 66 3.20 -29.55 1.21
CA SER B 66 4.12 -30.31 2.04
C SER B 66 3.41 -31.09 3.14
N LEU B 67 2.19 -30.67 3.52
CA LEU B 67 1.47 -31.37 4.57
C LEU B 67 1.02 -32.77 4.16
N HIS B 68 0.96 -33.05 2.85
CA HIS B 68 0.41 -34.31 2.39
C HIS B 68 1.40 -35.47 2.48
N GLU B 69 2.70 -35.16 2.59
CA GLU B 69 3.71 -36.20 2.41
C GLU B 69 3.75 -37.15 3.61
N THR B 70 3.75 -36.59 4.82
CA THR B 70 4.00 -37.42 6.01
C THR B 70 2.94 -38.51 6.16
N HIS B 71 1.69 -38.21 5.81
CA HIS B 71 0.60 -39.15 6.00
C HIS B 71 0.32 -39.99 4.75
N ASP B 72 1.11 -39.83 3.69
CA ASP B 72 0.74 -40.40 2.39
C ASP B 72 0.65 -41.92 2.40
N HIS B 73 1.34 -42.58 3.31
CA HIS B 73 1.23 -44.03 3.35
C HIS B 73 0.02 -44.47 4.17
N LEU B 74 -0.37 -43.71 5.17
CA LEU B 74 -1.49 -44.14 6.01
C LEU B 74 -2.84 -43.81 5.38
N LEU B 75 -2.95 -42.73 4.60
CA LEU B 75 -4.22 -42.47 3.94
C LEU B 75 -4.48 -43.49 2.83
N ARG B 76 -3.43 -43.96 2.16
CA ARG B 76 -3.60 -44.92 1.08
C ARG B 76 -3.86 -46.31 1.62
N ALA B 77 -3.40 -46.58 2.83
CA ALA B 77 -3.71 -47.84 3.49
C ALA B 77 -5.19 -47.94 3.81
N SER B 78 -5.77 -46.88 4.37
CA SER B 78 -7.20 -46.90 4.67
C SER B 78 -8.04 -46.84 3.40
N GLU B 79 -7.51 -46.23 2.33
CA GLU B 79 -8.27 -46.08 1.10
C GLU B 79 -8.29 -47.35 0.25
N SER B 80 -7.41 -48.31 0.53
CA SER B 80 -7.31 -49.50 -0.30
C SER B 80 -8.44 -50.47 0.01
N GLU B 81 -9.14 -50.90 -1.05
CA GLU B 81 -10.17 -51.92 -0.89
C GLU B 81 -9.59 -53.19 -0.27
N ASP B 82 -8.33 -53.50 -0.56
CA ASP B 82 -7.70 -54.70 -0.06
C ASP B 82 -7.18 -54.57 1.36
N GLU B 83 -7.40 -53.43 2.01
CA GLU B 83 -7.00 -53.25 3.40
C GLU B 83 -7.96 -54.02 4.31
N VAL B 84 -7.42 -54.94 5.11
CA VAL B 84 -8.28 -55.77 5.96
C VAL B 84 -8.86 -54.94 7.09
N ASP B 85 -8.17 -53.91 7.55
CA ASP B 85 -8.57 -53.12 8.71
C ASP B 85 -8.58 -51.64 8.34
N PRO B 86 -9.50 -51.22 7.46
CA PRO B 86 -9.52 -49.80 7.08
C PRO B 86 -9.89 -48.89 8.24
N LEU B 87 -10.88 -49.27 9.06
CA LEU B 87 -11.19 -48.48 10.24
C LEU B 87 -9.97 -48.33 11.14
N GLY B 88 -9.18 -49.40 11.27
CA GLY B 88 -7.99 -49.31 12.10
C GLY B 88 -6.95 -48.36 11.53
N CYS B 89 -6.75 -48.40 10.21
CA CYS B 89 -5.79 -47.48 9.59
C CYS B 89 -6.27 -46.04 9.70
N MET B 90 -7.58 -45.82 9.58
CA MET B 90 -8.11 -44.48 9.76
C MET B 90 -7.78 -43.95 11.15
N ARG B 91 -7.94 -44.78 12.18
CA ARG B 91 -7.62 -44.36 13.54
C ARG B 91 -6.14 -44.01 13.65
N LYS B 92 -5.26 -44.82 13.06
CA LYS B 92 -3.84 -44.51 13.10
C LYS B 92 -3.54 -43.25 12.29
N LEU B 93 -4.24 -43.05 11.19
CA LEU B 93 -4.05 -41.84 10.38
C LEU B 93 -4.34 -40.59 11.21
N TRP B 94 -5.51 -40.54 11.85
CA TRP B 94 -5.86 -39.36 12.64
C TRP B 94 -4.95 -39.22 13.85
N LEU B 95 -4.56 -40.33 14.47
CA LEU B 95 -3.57 -40.26 15.53
C LEU B 95 -2.28 -39.63 15.03
N GLN B 96 -1.83 -40.03 13.84
CA GLN B 96 -0.61 -39.45 13.29
C GLN B 96 -0.81 -37.97 12.92
N VAL B 97 -1.98 -37.63 12.37
CA VAL B 97 -2.27 -36.23 12.08
C VAL B 97 -2.12 -35.38 13.33
N PHE B 98 -2.78 -35.78 14.41
CA PHE B 98 -2.71 -35.03 15.65
C PHE B 98 -1.32 -35.08 16.27
N ASN B 99 -0.62 -36.22 16.13
CA ASN B 99 0.72 -36.32 16.69
C ASN B 99 1.67 -35.35 16.00
N GLU B 100 1.62 -35.29 14.67
CA GLU B 100 2.51 -34.38 13.94
C GLU B 100 2.19 -32.93 14.26
N LEU B 101 0.90 -32.59 14.36
CA LEU B 101 0.52 -31.21 14.66
C LEU B 101 1.11 -30.74 15.97
N VAL B 102 1.05 -31.58 17.01
CA VAL B 102 1.50 -31.16 18.34
C VAL B 102 3.01 -31.20 18.46
N LEU B 103 3.66 -32.16 17.81
CA LEU B 103 5.10 -32.33 17.96
C LEU B 103 5.92 -31.56 16.94
N ASP B 104 5.42 -31.42 15.71
CA ASP B 104 6.19 -30.84 14.62
C ASP B 104 5.97 -29.33 14.57
N ALA B 105 7.01 -28.57 14.90
CA ALA B 105 6.93 -27.12 14.77
C ALA B 105 6.51 -26.72 13.35
N ARG B 106 7.13 -27.33 12.33
CA ARG B 106 6.88 -26.92 10.96
C ARG B 106 5.41 -27.11 10.59
N THR B 107 4.86 -28.30 10.87
CA THR B 107 3.46 -28.56 10.54
C THR B 107 2.53 -27.63 11.31
N ARG B 108 2.84 -27.37 12.58
CA ARG B 108 2.02 -26.45 13.36
C ARG B 108 2.07 -25.05 12.77
N ARG B 109 3.27 -24.58 12.44
CA ARG B 109 3.41 -23.22 11.92
C ARG B 109 2.71 -23.06 10.57
N ILE B 110 2.78 -24.09 9.72
CA ILE B 110 2.14 -24.00 8.41
C ILE B 110 0.63 -23.97 8.56
N MET B 111 0.07 -24.85 9.39
CA MET B 111 -1.36 -24.86 9.59
C MET B 111 -1.83 -23.56 10.24
N GLU B 112 -1.03 -23.01 11.16
CA GLU B 112 -1.36 -21.71 11.73
C GLU B 112 -1.35 -20.63 10.65
N ILE B 113 -0.41 -20.73 9.71
CA ILE B 113 -0.39 -19.78 8.60
C ILE B 113 -1.65 -19.95 7.74
N LEU B 114 -1.94 -21.20 7.36
CA LEU B 114 -3.04 -21.44 6.44
C LEU B 114 -4.39 -21.09 7.06
N PHE B 115 -4.57 -21.38 8.34
CA PHE B 115 -5.86 -21.22 8.99
C PHE B 115 -6.06 -19.85 9.62
N HIS B 116 -4.98 -19.19 10.05
CA HIS B 116 -5.11 -17.99 10.85
C HIS B 116 -4.30 -16.80 10.36
N LYS B 117 -3.50 -16.95 9.30
CA LYS B 117 -2.71 -15.84 8.80
C LYS B 117 -2.77 -15.74 7.28
N CYS B 118 -3.84 -16.23 6.66
CA CYS B 118 -3.96 -16.24 5.21
C CYS B 118 -5.41 -15.91 4.84
N GLU B 119 -5.60 -14.77 4.19
CA GLU B 119 -6.94 -14.28 3.86
C GLU B 119 -7.37 -14.74 2.47
N PHE B 120 -8.66 -15.04 2.34
CA PHE B 120 -9.28 -15.26 1.04
C PHE B 120 -9.74 -13.90 0.50
N THR B 121 -9.06 -13.39 -0.51
CA THR B 121 -9.41 -12.13 -1.13
C THR B 121 -9.40 -12.29 -2.65
N ASP B 122 -10.26 -11.50 -3.31
CA ASP B 122 -10.26 -11.47 -4.77
C ASP B 122 -8.88 -11.11 -5.32
N ASP B 123 -8.05 -10.43 -4.54
CA ASP B 123 -6.72 -10.07 -4.99
C ASP B 123 -5.82 -11.29 -5.16
N MET B 124 -6.18 -12.42 -4.56
CA MET B 124 -5.40 -13.66 -4.61
C MET B 124 -6.38 -14.82 -4.52
N CYS B 125 -7.25 -14.96 -5.52
CA CYS B 125 -8.30 -15.95 -5.49
C CYS B 125 -7.76 -17.38 -5.50
N GLU B 126 -6.50 -17.56 -5.88
CA GLU B 126 -5.95 -18.92 -5.95
C GLU B 126 -5.89 -19.58 -4.58
N ILE B 127 -5.80 -18.77 -3.52
CA ILE B 127 -5.72 -19.33 -2.16
C ILE B 127 -6.98 -20.13 -1.84
N ARG B 128 -8.15 -19.52 -2.01
CA ARG B 128 -9.40 -20.20 -1.68
C ARG B 128 -9.62 -21.42 -2.56
N GLN B 129 -9.33 -21.29 -3.86
CA GLN B 129 -9.54 -22.40 -4.79
C GLN B 129 -8.66 -23.59 -4.42
N GLN B 130 -7.41 -23.32 -4.04
CA GLN B 130 -6.52 -24.41 -3.65
C GLN B 130 -6.99 -25.06 -2.36
N ARG B 131 -7.51 -24.26 -1.42
CA ARG B 131 -8.09 -24.84 -0.22
C ARG B 131 -9.33 -25.66 -0.57
N GLN B 132 -10.17 -25.14 -1.47
CA GLN B 132 -11.33 -25.91 -1.92
C GLN B 132 -10.90 -27.25 -2.50
N SER B 133 -9.86 -27.24 -3.34
CA SER B 133 -9.40 -28.48 -3.95
C SER B 133 -8.85 -29.45 -2.91
N ALA B 134 -8.07 -28.96 -1.95
CA ALA B 134 -7.47 -29.83 -0.96
C ALA B 134 -8.55 -30.49 -0.09
N VAL B 135 -9.56 -29.73 0.32
CA VAL B 135 -10.62 -30.30 1.15
C VAL B 135 -11.44 -31.31 0.36
N LEU B 136 -11.80 -30.96 -0.88
CA LEU B 136 -12.56 -31.89 -1.70
C LEU B 136 -11.80 -33.20 -1.90
N ASP B 137 -10.49 -33.11 -2.11
CA ASP B 137 -9.69 -34.32 -2.28
C ASP B 137 -9.70 -35.18 -1.02
N CYS B 138 -9.45 -34.55 0.14
CA CYS B 138 -9.45 -35.31 1.38
C CYS B 138 -10.82 -35.93 1.65
N HIS B 139 -11.89 -35.22 1.28
CA HIS B 139 -13.23 -35.75 1.48
C HIS B 139 -13.41 -37.06 0.71
N LYS B 140 -12.99 -37.09 -0.54
CA LYS B 140 -13.07 -38.31 -1.33
C LYS B 140 -12.33 -39.45 -0.63
N GLY B 141 -11.10 -39.19 -0.18
CA GLY B 141 -10.34 -40.21 0.50
C GLY B 141 -11.05 -40.73 1.74
N ILE B 142 -11.53 -39.82 2.57
CA ILE B 142 -12.25 -40.23 3.78
C ILE B 142 -13.48 -41.05 3.40
N THR B 143 -14.19 -40.64 2.34
CA THR B 143 -15.36 -41.39 1.90
C THR B 143 -14.97 -42.81 1.48
N LEU B 144 -13.84 -42.95 0.80
CA LEU B 144 -13.36 -44.28 0.41
C LEU B 144 -13.14 -45.15 1.66
N ALA B 145 -12.38 -44.63 2.63
CA ALA B 145 -12.05 -45.43 3.81
C ALA B 145 -13.30 -45.79 4.59
N LEU B 146 -14.29 -44.90 4.64
CA LEU B 146 -15.52 -45.20 5.36
C LEU B 146 -16.32 -46.30 4.66
N ALA B 147 -16.41 -46.24 3.33
CA ALA B 147 -17.11 -47.27 2.59
C ALA B 147 -16.41 -48.62 2.75
N ASN B 148 -15.08 -48.62 2.75
CA ASN B 148 -14.33 -49.86 2.98
C ASN B 148 -14.66 -50.44 4.35
N ALA B 149 -14.65 -49.58 5.38
CA ALA B 149 -14.96 -50.06 6.73
C ALA B 149 -16.38 -50.58 6.82
N VAL B 150 -17.33 -49.90 6.17
CA VAL B 150 -18.70 -50.40 6.11
C VAL B 150 -18.73 -51.75 5.40
N ARG B 151 -18.11 -51.83 4.23
CA ARG B 151 -18.09 -53.08 3.49
C ARG B 151 -17.37 -54.17 4.28
N ARG B 152 -16.30 -53.82 4.97
CA ARG B 152 -15.60 -54.76 5.84
C ARG B 152 -16.34 -54.99 7.15
N GLY B 153 -17.49 -54.36 7.36
CA GLY B 153 -18.30 -54.61 8.54
C GLY B 153 -17.89 -53.87 9.78
N GLN B 154 -16.97 -52.92 9.68
CA GLN B 154 -16.50 -52.18 10.85
C GLN B 154 -17.37 -50.99 11.19
N LEU B 155 -18.20 -50.53 10.26
CA LEU B 155 -19.11 -49.43 10.46
C LEU B 155 -20.52 -49.84 10.07
N PRO B 156 -21.54 -49.07 10.45
CA PRO B 156 -22.92 -49.45 10.13
C PRO B 156 -23.13 -49.60 8.63
N GLY B 157 -23.84 -50.68 8.27
CA GLY B 157 -24.08 -50.96 6.86
C GLY B 157 -24.82 -49.82 6.17
N GLU B 158 -25.78 -49.21 6.87
CA GLU B 158 -26.61 -48.15 6.30
C GLU B 158 -26.04 -46.76 6.59
N LEU B 159 -24.75 -46.64 6.81
CA LEU B 159 -24.14 -45.34 7.07
C LEU B 159 -24.04 -44.54 5.78
N ASP B 160 -24.39 -43.25 5.86
CA ASP B 160 -24.21 -42.33 4.75
C ASP B 160 -22.75 -41.92 4.72
N ALA B 161 -21.96 -42.58 3.87
CA ALA B 161 -20.52 -42.34 3.85
C ALA B 161 -20.20 -40.88 3.59
N GLU B 162 -20.90 -40.26 2.63
CA GLU B 162 -20.63 -38.86 2.31
C GLU B 162 -20.78 -37.98 3.55
N ARG B 163 -21.93 -38.06 4.22
CA ARG B 163 -22.16 -37.21 5.39
C ARG B 163 -21.21 -37.57 6.53
N ALA B 164 -20.97 -38.87 6.74
CA ALA B 164 -20.03 -39.28 7.78
C ALA B 164 -18.64 -38.71 7.54
N ALA B 165 -18.20 -38.71 6.27
CA ALA B 165 -16.92 -38.08 5.95
C ALA B 165 -16.92 -36.62 6.33
N VAL B 166 -17.96 -35.88 5.93
CA VAL B 166 -18.08 -34.48 6.29
C VAL B 166 -17.99 -34.31 7.81
N ALA B 167 -18.77 -35.10 8.55
CA ALA B 167 -18.83 -34.94 10.00
C ALA B 167 -17.47 -35.21 10.64
N MET B 168 -16.79 -36.27 10.19
CA MET B 168 -15.47 -36.56 10.74
C MET B 168 -14.49 -35.43 10.44
N PHE B 169 -14.49 -34.94 9.21
CA PHE B 169 -13.58 -33.85 8.85
C PHE B 169 -13.91 -32.59 9.63
N ALA B 170 -15.20 -32.27 9.78
CA ALA B 170 -15.59 -31.10 10.55
C ALA B 170 -15.06 -31.19 11.97
N TYR B 171 -15.21 -32.36 12.60
CA TYR B 171 -14.75 -32.53 13.97
C TYR B 171 -13.23 -32.37 14.05
N VAL B 172 -12.50 -33.06 13.19
CA VAL B 172 -11.05 -32.99 13.23
C VAL B 172 -10.55 -31.59 12.90
N ASP B 173 -11.14 -30.97 11.87
CA ASP B 173 -10.74 -29.61 11.50
C ASP B 173 -11.04 -28.63 12.63
N GLY B 174 -12.23 -28.73 13.23
CA GLY B 174 -12.56 -27.85 14.33
C GLY B 174 -11.66 -28.06 15.54
N LEU B 175 -11.32 -29.32 15.83
CA LEU B 175 -10.46 -29.61 16.95
C LEU B 175 -9.06 -29.05 16.73
N ILE B 176 -8.52 -29.19 15.52
CA ILE B 176 -7.19 -28.65 15.23
C ILE B 176 -7.14 -27.16 15.51
N ARG B 177 -8.13 -26.42 15.00
CA ARG B 177 -8.11 -24.97 15.13
C ARG B 177 -8.39 -24.54 16.57
N ARG B 178 -9.13 -25.35 17.32
CA ARG B 178 -9.31 -25.05 18.74
C ARG B 178 -8.00 -25.20 19.50
N TRP B 179 -7.22 -26.22 19.18
CA TRP B 179 -5.91 -26.39 19.81
C TRP B 179 -4.93 -25.32 19.36
N LEU B 180 -5.01 -24.90 18.10
CA LEU B 180 -4.15 -23.82 17.62
C LEU B 180 -4.47 -22.50 18.34
N LEU B 181 -5.76 -22.26 18.59
CA LEU B 181 -6.17 -21.02 19.25
C LEU B 181 -5.97 -21.10 20.77
N LEU B 182 -6.31 -22.24 21.36
CA LEU B 182 -6.28 -22.40 22.82
C LEU B 182 -5.63 -23.74 23.14
N PRO B 183 -4.30 -23.81 23.08
CA PRO B 183 -3.63 -25.11 23.28
C PRO B 183 -3.93 -25.74 24.64
N ASP B 184 -3.90 -24.95 25.72
CA ASP B 184 -4.11 -25.49 27.05
C ASP B 184 -5.53 -25.96 27.29
N SER B 185 -6.45 -25.73 26.35
CA SER B 185 -7.81 -26.20 26.48
C SER B 185 -8.00 -27.63 25.98
N VAL B 186 -7.06 -28.15 25.20
CA VAL B 186 -7.14 -29.50 24.65
C VAL B 186 -5.77 -30.14 24.82
N ASP B 187 -5.66 -31.11 25.73
CA ASP B 187 -4.45 -31.90 25.84
C ASP B 187 -4.39 -32.86 24.66
N LEU B 188 -4.13 -32.33 23.47
CA LEU B 188 -4.23 -33.12 22.25
C LEU B 188 -3.19 -34.22 22.16
N LEU B 189 -2.16 -34.19 23.00
CA LEU B 189 -1.11 -35.20 22.99
C LEU B 189 -1.34 -36.29 24.04
N GLY B 190 -1.64 -35.91 25.28
CA GLY B 190 -1.86 -36.90 26.31
C GLY B 190 -3.19 -37.61 26.24
N ASP B 191 -4.18 -36.98 25.62
CA ASP B 191 -5.50 -37.57 25.44
C ASP B 191 -5.80 -37.85 23.97
N VAL B 192 -4.75 -38.01 23.15
CA VAL B 192 -4.95 -38.07 21.70
C VAL B 192 -5.88 -39.22 21.32
N GLU B 193 -5.75 -40.36 22.00
CA GLU B 193 -6.63 -41.49 21.70
C GLU B 193 -8.08 -41.15 22.03
N LYS B 194 -8.31 -40.43 23.12
CA LYS B 194 -9.67 -40.05 23.50
C LYS B 194 -10.28 -39.12 22.45
N TRP B 195 -9.49 -38.17 21.94
CA TRP B 195 -10.04 -37.19 21.00
C TRP B 195 -10.32 -37.83 19.64
N VAL B 196 -9.49 -38.78 19.22
CA VAL B 196 -9.75 -39.48 17.97
C VAL B 196 -10.96 -40.40 18.13
N ASP B 197 -11.01 -41.16 19.22
CA ASP B 197 -12.11 -42.11 19.42
C ASP B 197 -13.44 -41.38 19.59
N THR B 198 -13.42 -40.18 20.15
CA THR B 198 -14.66 -39.41 20.27
C THR B 198 -15.31 -39.20 18.92
N GLY B 199 -14.52 -38.82 17.91
CA GLY B 199 -15.08 -38.59 16.59
C GLY B 199 -15.44 -39.88 15.87
N LEU B 200 -14.61 -40.92 16.03
CA LEU B 200 -14.97 -42.21 15.46
C LEU B 200 -16.24 -42.75 16.11
N ASP B 201 -16.39 -42.56 17.42
CA ASP B 201 -17.63 -42.93 18.08
C ASP B 201 -18.83 -42.25 17.45
N MET B 202 -18.64 -41.02 16.94
CA MET B 202 -19.74 -40.29 16.32
C MET B 202 -20.20 -41.00 15.04
N LEU B 203 -19.26 -41.37 14.18
CA LEU B 203 -19.63 -42.05 12.94
C LEU B 203 -20.24 -43.41 13.21
N ARG B 204 -19.73 -44.12 14.23
CA ARG B 204 -20.11 -45.50 14.46
C ARG B 204 -21.41 -45.65 15.26
N LEU B 205 -21.81 -44.62 16.02
CA LEU B 205 -22.97 -44.72 16.89
C LEU B 205 -24.09 -43.74 16.57
N SER B 206 -23.84 -42.69 15.81
CA SER B 206 -24.88 -41.69 15.56
C SER B 206 -25.94 -42.21 14.60
N PRO B 207 -27.18 -42.40 15.02
CA PRO B 207 -28.22 -42.80 14.06
C PRO B 207 -28.50 -41.73 13.01
N ALA B 208 -28.07 -40.49 13.23
CA ALA B 208 -28.30 -39.44 12.25
C ALA B 208 -27.46 -39.65 11.00
N LEU B 209 -26.28 -40.27 11.14
CA LEU B 209 -25.38 -40.46 10.02
C LEU B 209 -25.72 -41.67 9.17
N ARG B 210 -26.95 -42.18 9.27
CA ARG B 210 -27.38 -43.36 8.52
C ARG B 210 -28.55 -43.00 7.62
N LYS B 211 -28.68 -43.75 6.53
CA LYS B 211 -29.71 -43.50 5.54
C LYS B 211 -31.00 -44.25 5.89
N THR C 6 20.52 -14.75 -25.93
CA THR C 6 20.47 -13.91 -27.12
C THR C 6 20.51 -12.43 -26.74
N LYS C 7 21.47 -11.70 -27.31
CA LYS C 7 21.64 -10.30 -26.97
C LYS C 7 20.47 -9.45 -27.45
N GLU C 8 19.93 -9.77 -28.62
CA GLU C 8 18.79 -9.02 -29.14
C GLU C 8 17.59 -9.17 -28.21
N GLU C 9 17.44 -10.33 -27.58
CA GLU C 9 16.37 -10.52 -26.62
C GLU C 9 16.48 -9.55 -25.45
N ALA C 10 17.69 -9.40 -24.90
CA ALA C 10 17.87 -8.54 -23.74
C ALA C 10 17.54 -7.09 -24.07
N GLN C 11 17.97 -6.61 -25.24
CA GLN C 11 17.74 -5.21 -25.58
C GLN C 11 16.26 -4.91 -25.76
N GLU C 12 15.51 -5.82 -26.40
CA GLU C 12 14.08 -5.60 -26.57
C GLU C 12 13.33 -5.72 -25.24
N THR C 13 13.80 -6.59 -24.35
CA THR C 13 13.19 -6.70 -23.02
C THR C 13 13.50 -5.45 -22.19
N ARG C 14 14.73 -4.95 -22.27
CA ARG C 14 15.08 -3.74 -21.53
C ARG C 14 14.24 -2.56 -22.02
N ALA C 15 14.13 -2.40 -23.34
CA ALA C 15 13.32 -1.32 -23.89
C ALA C 15 11.86 -1.47 -23.48
N GLN C 16 11.34 -2.69 -23.48
CA GLN C 16 9.97 -2.93 -23.02
C GLN C 16 9.81 -2.48 -21.57
N ILE C 17 10.79 -2.78 -20.72
CA ILE C 17 10.72 -2.40 -19.32
C ILE C 17 10.75 -0.89 -19.17
N ILE C 18 11.64 -0.22 -19.89
CA ILE C 18 11.77 1.23 -19.77
C ILE C 18 10.49 1.92 -20.23
N GLU C 19 9.87 1.42 -21.30
CA GLU C 19 8.63 2.00 -21.78
C GLU C 19 7.51 1.80 -20.77
N ALA C 20 7.43 0.61 -20.17
CA ALA C 20 6.43 0.38 -19.14
C ALA C 20 6.70 1.20 -17.89
N ALA C 21 7.98 1.45 -17.58
CA ALA C 21 8.31 2.28 -16.43
C ALA C 21 7.79 3.70 -16.60
N GLU C 22 7.93 4.27 -17.81
CA GLU C 22 7.39 5.60 -18.08
C GLU C 22 5.89 5.62 -17.85
N ARG C 23 5.17 4.62 -18.37
CA ARG C 23 3.73 4.59 -18.22
C ARG C 23 3.34 4.47 -16.75
N ALA C 24 4.03 3.62 -16.00
CA ALA C 24 3.71 3.43 -14.59
C ALA C 24 4.07 4.66 -13.77
N PHE C 25 5.29 5.17 -13.95
CA PHE C 25 5.71 6.35 -13.22
C PHE C 25 4.78 7.53 -13.52
N TYR C 26 4.35 7.67 -14.78
CA TYR C 26 3.51 8.79 -15.14
C TYR C 26 2.15 8.73 -14.42
N LYS C 27 1.56 7.54 -14.34
CA LYS C 27 0.24 7.42 -13.72
C LYS C 27 0.32 7.48 -12.20
N ARG C 28 1.16 6.64 -11.60
CA ARG C 28 1.17 6.45 -10.16
C ARG C 28 2.28 7.19 -9.45
N GLY C 29 3.24 7.76 -10.18
CA GLY C 29 4.37 8.39 -9.57
C GLY C 29 5.45 7.38 -9.20
N VAL C 30 6.66 7.90 -9.00
CA VAL C 30 7.81 7.04 -8.74
C VAL C 30 7.71 6.43 -7.33
N ALA C 31 7.27 7.22 -6.36
CA ALA C 31 7.35 6.80 -4.97
C ALA C 31 6.60 5.49 -4.73
N ARG C 32 5.41 5.34 -5.32
CA ARG C 32 4.54 4.21 -5.02
C ARG C 32 4.62 3.09 -6.05
N THR C 33 5.42 3.26 -7.11
CA THR C 33 5.58 2.24 -8.13
C THR C 33 6.79 1.37 -7.77
N THR C 34 6.58 0.05 -7.78
CA THR C 34 7.66 -0.90 -7.56
C THR C 34 8.08 -1.55 -8.87
N LEU C 35 9.26 -2.17 -8.85
CA LEU C 35 9.71 -2.94 -10.01
C LEU C 35 8.73 -4.07 -10.33
N ALA C 36 8.12 -4.66 -9.32
CA ALA C 36 7.12 -5.70 -9.55
C ALA C 36 5.97 -5.16 -10.40
N ASP C 37 5.47 -3.97 -10.07
CA ASP C 37 4.37 -3.40 -10.84
C ASP C 37 4.80 -3.13 -12.29
N ILE C 38 6.02 -2.67 -12.49
CA ILE C 38 6.49 -2.38 -13.85
C ILE C 38 6.64 -3.67 -14.63
N ALA C 39 7.14 -4.74 -13.98
CA ALA C 39 7.25 -6.03 -14.66
C ALA C 39 5.90 -6.47 -15.21
N GLU C 40 4.84 -6.38 -14.39
CA GLU C 40 3.51 -6.72 -14.86
C GLU C 40 3.13 -5.89 -16.07
N LEU C 41 3.25 -4.56 -15.95
CA LEU C 41 2.89 -3.68 -17.06
C LEU C 41 3.67 -4.02 -18.32
N ALA C 42 4.95 -4.33 -18.18
CA ALA C 42 5.78 -4.65 -19.33
C ALA C 42 5.51 -6.03 -19.91
N GLY C 43 4.80 -6.88 -19.17
CA GLY C 43 4.55 -8.23 -19.64
C GLY C 43 5.74 -9.15 -19.53
N VAL C 44 6.63 -8.91 -18.57
CA VAL C 44 7.81 -9.72 -18.35
C VAL C 44 7.64 -10.45 -17.03
N THR C 45 8.09 -11.70 -16.99
CA THR C 45 7.92 -12.58 -15.85
C THR C 45 9.27 -12.94 -15.25
N ARG C 46 9.25 -13.90 -14.33
CA ARG C 46 10.45 -14.58 -13.81
C ARG C 46 11.43 -13.60 -13.16
N GLY C 47 10.97 -12.43 -12.75
CA GLY C 47 11.90 -11.43 -12.24
C GLY C 47 12.87 -10.95 -13.29
N ALA C 48 12.48 -11.01 -14.56
CA ALA C 48 13.34 -10.51 -15.64
C ALA C 48 13.77 -9.08 -15.37
N ILE C 49 12.89 -8.28 -14.77
CA ILE C 49 13.20 -6.88 -14.53
C ILE C 49 14.41 -6.73 -13.62
N TYR C 50 14.60 -7.67 -12.68
CA TYR C 50 15.67 -7.52 -11.70
C TYR C 50 17.04 -7.77 -12.30
N TRP C 51 17.11 -8.58 -13.36
CA TRP C 51 18.39 -8.77 -14.03
C TRP C 51 18.76 -7.59 -14.91
N HIS C 52 17.79 -6.74 -15.25
CA HIS C 52 18.05 -5.54 -16.04
C HIS C 52 18.23 -4.29 -15.19
N PHE C 53 17.64 -4.24 -13.99
CA PHE C 53 17.72 -3.08 -13.13
C PHE C 53 17.80 -3.53 -11.68
N ASN C 54 18.75 -2.95 -10.94
CA ASN C 54 18.92 -3.32 -9.54
C ASN C 54 17.79 -2.79 -8.67
N ASN C 55 17.24 -1.63 -9.01
CA ASN C 55 16.22 -1.01 -8.17
C ASN C 55 15.48 0.04 -9.00
N LYS C 56 14.56 0.74 -8.33
CA LYS C 56 13.79 1.79 -8.99
C LYS C 56 14.69 2.93 -9.44
N ALA C 57 15.71 3.25 -8.65
CA ALA C 57 16.56 4.40 -8.97
C ALA C 57 17.29 4.19 -10.30
N GLU C 58 17.72 2.96 -10.58
CA GLU C 58 18.38 2.70 -11.84
C GLU C 58 17.43 2.93 -13.01
N LEU C 59 16.15 2.60 -12.85
CA LEU C 59 15.18 2.86 -13.91
C LEU C 59 15.01 4.35 -14.12
N VAL C 60 14.87 5.11 -13.03
CA VAL C 60 14.80 6.57 -13.15
C VAL C 60 16.03 7.09 -13.89
N GLN C 61 17.21 6.62 -13.48
CA GLN C 61 18.43 7.04 -14.15
C GLN C 61 18.42 6.68 -15.63
N ALA C 62 17.88 5.51 -15.96
CA ALA C 62 17.77 5.11 -17.37
C ALA C 62 16.93 6.13 -18.15
N LEU C 63 15.83 6.58 -17.56
N LEU C 63 15.83 6.59 -17.55
CA LEU C 63 15.00 7.60 -18.21
CA LEU C 63 15.01 7.60 -18.22
C LEU C 63 15.76 8.91 -18.35
C LEU C 63 15.76 8.92 -18.35
N LEU C 64 16.45 9.34 -17.29
CA LEU C 64 17.20 10.59 -17.35
C LEU C 64 18.30 10.52 -18.40
N ASP C 65 19.04 9.41 -18.43
CA ASP C 65 20.11 9.26 -19.42
C ASP C 65 19.57 9.28 -20.85
N SER C 66 18.38 8.72 -21.07
CA SER C 66 17.82 8.64 -22.41
C SER C 66 17.59 10.02 -23.02
N LEU C 67 17.60 11.08 -22.23
CA LEU C 67 17.34 12.42 -22.74
C LEU C 67 18.55 13.00 -23.46
N HIS C 68 19.76 12.58 -23.10
CA HIS C 68 20.98 13.15 -23.65
C HIS C 68 21.27 12.72 -25.07
N GLU C 69 20.57 11.69 -25.57
CA GLU C 69 20.98 11.06 -26.82
C GLU C 69 20.67 11.93 -28.03
N THR C 70 19.46 12.50 -28.09
CA THR C 70 19.08 13.30 -29.24
C THR C 70 20.01 14.50 -29.42
N HIS C 71 20.50 15.08 -28.33
CA HIS C 71 21.26 16.31 -28.36
C HIS C 71 22.77 16.09 -28.37
N ASP C 72 23.22 14.84 -28.51
CA ASP C 72 24.64 14.55 -28.39
C ASP C 72 25.46 15.33 -29.41
N HIS C 73 24.99 15.40 -30.66
CA HIS C 73 25.77 16.06 -31.71
C HIS C 73 25.93 17.54 -31.43
N LEU C 74 24.81 18.24 -31.18
CA LEU C 74 24.89 19.67 -30.93
C LEU C 74 25.59 19.97 -29.61
N LEU C 75 25.42 19.12 -28.61
CA LEU C 75 26.15 19.27 -27.36
C LEU C 75 27.65 19.16 -27.59
N ARG C 76 28.08 18.15 -28.36
CA ARG C 76 29.50 17.99 -28.66
C ARG C 76 30.03 19.18 -29.45
N ALA C 77 29.23 19.70 -30.38
CA ALA C 77 29.70 20.80 -31.22
C ALA C 77 29.95 22.06 -30.40
N SER C 78 29.00 22.41 -29.52
CA SER C 78 29.17 23.62 -28.72
C SER C 78 30.34 23.50 -27.75
N GLU C 79 30.74 22.29 -27.38
CA GLU C 79 31.84 22.09 -26.43
C GLU C 79 33.20 21.97 -27.12
N SER C 80 33.24 21.88 -28.44
CA SER C 80 34.49 21.68 -29.15
C SER C 80 35.19 23.02 -29.40
N GLU C 81 36.49 23.08 -29.10
CA GLU C 81 37.25 24.29 -29.36
C GLU C 81 37.43 24.53 -30.85
N ASP C 82 37.37 23.47 -31.67
CA ASP C 82 37.50 23.61 -33.11
C ASP C 82 36.22 24.09 -33.77
N GLU C 83 35.12 24.16 -33.04
CA GLU C 83 33.88 24.66 -33.61
C GLU C 83 33.99 26.17 -33.85
N VAL C 84 33.66 26.60 -35.07
CA VAL C 84 33.84 28.01 -35.42
C VAL C 84 32.72 28.87 -34.84
N ASP C 85 31.54 28.28 -34.62
CA ASP C 85 30.36 29.03 -34.16
C ASP C 85 29.79 28.34 -32.93
N PRO C 86 30.52 28.36 -31.81
CA PRO C 86 30.03 27.69 -30.60
C PRO C 86 28.74 28.30 -30.06
N LEU C 87 28.55 29.62 -30.20
CA LEU C 87 27.31 30.23 -29.74
C LEU C 87 26.14 29.79 -30.61
N GLY C 88 26.31 29.85 -31.93
CA GLY C 88 25.26 29.38 -32.83
C GLY C 88 24.90 27.93 -32.60
N CYS C 89 25.88 27.10 -32.24
CA CYS C 89 25.58 25.71 -31.92
C CYS C 89 24.80 25.61 -30.60
N MET C 90 25.15 26.44 -29.62
CA MET C 90 24.37 26.49 -28.39
C MET C 90 22.93 26.89 -28.67
N ARG C 91 22.75 27.87 -29.57
CA ARG C 91 21.40 28.28 -29.95
C ARG C 91 20.64 27.13 -30.61
N LYS C 92 21.26 26.50 -31.61
CA LYS C 92 20.64 25.35 -32.25
C LYS C 92 20.34 24.25 -31.23
N LEU C 93 21.18 24.11 -30.20
CA LEU C 93 20.94 23.10 -29.17
C LEU C 93 19.68 23.40 -28.38
N TRP C 94 19.59 24.61 -27.82
CA TRP C 94 18.44 24.94 -26.99
C TRP C 94 17.15 24.99 -27.81
N LEU C 95 17.24 25.38 -29.09
CA LEU C 95 16.08 25.26 -29.96
C LEU C 95 15.62 23.80 -30.06
N GLN C 96 16.56 22.88 -30.18
CA GLN C 96 16.21 21.46 -30.28
C GLN C 96 15.68 20.93 -28.96
N VAL C 97 16.22 21.41 -27.84
CA VAL C 97 15.73 20.99 -26.53
C VAL C 97 14.24 21.36 -26.40
N PHE C 98 13.90 22.60 -26.76
CA PHE C 98 12.52 23.04 -26.65
C PHE C 98 11.64 22.35 -27.70
N ASN C 99 12.13 22.20 -28.93
CA ASN C 99 11.32 21.59 -29.98
C ASN C 99 11.00 20.14 -29.63
N GLU C 100 11.99 19.39 -29.14
CA GLU C 100 11.74 18.00 -28.76
C GLU C 100 10.74 17.91 -27.62
N LEU C 101 10.86 18.80 -26.63
CA LEU C 101 9.93 18.77 -25.50
C LEU C 101 8.49 18.95 -25.96
N VAL C 102 8.25 19.89 -26.87
CA VAL C 102 6.88 20.19 -27.28
C VAL C 102 6.37 19.13 -28.25
N LEU C 103 7.23 18.63 -29.13
CA LEU C 103 6.77 17.71 -30.17
C LEU C 103 6.79 16.25 -29.74
N ASP C 104 7.73 15.85 -28.89
CA ASP C 104 7.92 14.45 -28.55
C ASP C 104 7.13 14.11 -27.29
N ALA C 105 6.25 13.11 -27.39
CA ALA C 105 5.51 12.65 -26.21
C ALA C 105 6.43 11.95 -25.23
N ARG C 106 7.38 11.15 -25.73
CA ARG C 106 8.31 10.46 -24.85
C ARG C 106 9.08 11.45 -23.98
N THR C 107 9.78 12.39 -24.62
CA THR C 107 10.56 13.38 -23.87
C THR C 107 9.68 14.13 -22.88
N ARG C 108 8.52 14.61 -23.32
CA ARG C 108 7.63 15.33 -22.43
C ARG C 108 7.25 14.46 -21.23
N ARG C 109 6.85 13.21 -21.49
CA ARG C 109 6.48 12.31 -20.41
C ARG C 109 7.62 12.13 -19.42
N ILE C 110 8.84 11.91 -19.93
CA ILE C 110 9.98 11.67 -19.05
C ILE C 110 10.27 12.90 -18.20
N MET C 111 10.27 14.08 -18.82
CA MET C 111 10.51 15.30 -18.06
C MET C 111 9.43 15.50 -17.01
N GLU C 112 8.17 15.27 -17.37
CA GLU C 112 7.09 15.36 -16.40
C GLU C 112 7.34 14.40 -15.25
N ILE C 113 7.81 13.19 -15.55
CA ILE C 113 8.12 12.21 -14.51
C ILE C 113 9.23 12.75 -13.61
N LEU C 114 10.32 13.22 -14.21
CA LEU C 114 11.48 13.62 -13.44
C LEU C 114 11.20 14.84 -12.57
N PHE C 115 10.45 15.82 -13.12
CA PHE C 115 10.29 17.09 -12.44
C PHE C 115 9.07 17.13 -11.53
N HIS C 116 8.03 16.36 -11.84
CA HIS C 116 6.74 16.49 -11.16
C HIS C 116 6.18 15.20 -10.61
N LYS C 117 6.85 14.06 -10.81
CA LYS C 117 6.35 12.79 -10.30
C LYS C 117 7.47 11.97 -9.67
N CYS C 118 8.46 12.66 -9.09
CA CYS C 118 9.65 12.02 -8.52
C CYS C 118 10.01 12.74 -7.24
N GLU C 119 10.00 12.00 -6.12
CA GLU C 119 10.33 12.57 -4.82
C GLU C 119 11.79 12.29 -4.46
N PHE C 120 12.44 13.28 -3.86
CA PHE C 120 13.74 13.08 -3.23
C PHE C 120 13.49 12.65 -1.78
N THR C 121 13.84 11.42 -1.45
CA THR C 121 13.68 10.91 -0.10
C THR C 121 14.94 10.15 0.31
N ASP C 122 15.15 10.06 1.62
CA ASP C 122 16.37 9.45 2.14
C ASP C 122 16.42 7.95 1.91
N ASP C 123 15.28 7.29 1.72
CA ASP C 123 15.28 5.84 1.50
C ASP C 123 15.57 5.48 0.05
N MET C 124 15.50 6.43 -0.88
CA MET C 124 16.03 6.26 -2.23
C MET C 124 16.89 7.50 -2.54
N CYS C 125 17.97 7.65 -1.75
CA CYS C 125 18.80 8.84 -1.85
C CYS C 125 19.47 8.99 -3.21
N GLU C 126 19.64 7.89 -3.95
CA GLU C 126 20.30 7.98 -5.25
C GLU C 126 19.52 8.82 -6.24
N ILE C 127 18.22 9.01 -6.03
CA ILE C 127 17.44 9.83 -6.95
C ILE C 127 17.92 11.28 -6.92
N ARG C 128 18.08 11.84 -5.72
CA ARG C 128 18.60 13.19 -5.61
C ARG C 128 20.06 13.25 -6.03
N GLN C 129 20.84 12.23 -5.67
CA GLN C 129 22.26 12.22 -6.03
C GLN C 129 22.43 12.14 -7.54
N GLN C 130 21.68 11.26 -8.19
CA GLN C 130 21.72 11.19 -9.65
C GLN C 130 21.35 12.53 -10.27
N ARG C 131 20.35 13.20 -9.69
CA ARG C 131 19.92 14.49 -10.22
C ARG C 131 21.01 15.54 -10.05
N GLN C 132 21.69 15.54 -8.89
CA GLN C 132 22.79 16.47 -8.68
C GLN C 132 23.90 16.25 -9.69
N SER C 133 24.26 14.99 -9.95
CA SER C 133 25.35 14.71 -10.88
C SER C 133 24.97 15.10 -12.31
N ALA C 134 23.72 14.88 -12.69
CA ALA C 134 23.29 15.23 -14.05
C ALA C 134 23.34 16.73 -14.26
N VAL C 135 22.88 17.51 -13.27
CA VAL C 135 22.92 18.96 -13.41
C VAL C 135 24.35 19.48 -13.37
N LEU C 136 25.19 18.90 -12.51
CA LEU C 136 26.59 19.28 -12.49
C LEU C 136 27.25 19.00 -13.84
N ASP C 137 26.96 17.84 -14.42
CA ASP C 137 27.54 17.48 -15.71
C ASP C 137 27.07 18.42 -16.80
N CYS C 138 25.79 18.77 -16.80
CA CYS C 138 25.27 19.72 -17.79
C CYS C 138 25.88 21.10 -17.58
N HIS C 139 26.07 21.51 -16.32
CA HIS C 139 26.70 22.80 -16.05
C HIS C 139 28.11 22.87 -16.60
N LYS C 140 28.89 21.81 -16.40
CA LYS C 140 30.24 21.75 -16.97
C LYS C 140 30.21 21.95 -18.48
N GLY C 141 29.28 21.28 -19.16
CA GLY C 141 29.19 21.40 -20.60
C GLY C 141 28.80 22.80 -21.05
N ILE C 142 27.79 23.39 -20.39
CA ILE C 142 27.39 24.75 -20.73
C ILE C 142 28.52 25.72 -20.46
N THR C 143 29.21 25.55 -19.33
CA THR C 143 30.34 26.43 -19.01
C THR C 143 31.41 26.36 -20.09
N LEU C 144 31.65 25.16 -20.63
CA LEU C 144 32.64 25.03 -21.69
C LEU C 144 32.19 25.71 -22.96
N ALA C 145 30.92 25.52 -23.35
CA ALA C 145 30.40 26.17 -24.55
C ALA C 145 30.52 27.69 -24.45
N LEU C 146 30.12 28.26 -23.32
CA LEU C 146 30.23 29.70 -23.14
C LEU C 146 31.68 30.14 -23.20
N ALA C 147 32.59 29.38 -22.58
CA ALA C 147 34.00 29.72 -22.64
C ALA C 147 34.52 29.65 -24.08
N ASN C 148 34.00 28.71 -24.87
CA ASN C 148 34.34 28.66 -26.29
C ASN C 148 33.80 29.86 -27.03
N ALA C 149 32.56 30.27 -26.71
CA ALA C 149 31.98 31.46 -27.34
C ALA C 149 32.75 32.71 -26.95
N VAL C 150 33.16 32.83 -25.68
CA VAL C 150 33.96 33.98 -25.26
C VAL C 150 35.26 34.01 -26.03
N ARG C 151 35.95 32.85 -26.12
CA ARG C 151 37.21 32.81 -26.85
C ARG C 151 37.03 33.18 -28.31
N ARG C 152 35.88 32.83 -28.90
CA ARG C 152 35.60 33.15 -30.29
C ARG C 152 35.06 34.57 -30.47
N GLY C 153 34.99 35.35 -29.40
CA GLY C 153 34.49 36.71 -29.50
C GLY C 153 32.99 36.84 -29.67
N GLN C 154 32.24 35.76 -29.44
CA GLN C 154 30.80 35.81 -29.59
C GLN C 154 30.09 36.27 -28.31
N LEU C 155 30.74 36.17 -27.17
CA LEU C 155 30.22 36.65 -25.90
C LEU C 155 31.26 37.56 -25.26
N PRO C 156 30.84 38.40 -24.31
CA PRO C 156 31.78 39.36 -23.72
C PRO C 156 33.05 38.69 -23.22
N GLY C 157 34.18 39.38 -23.40
CA GLY C 157 35.46 38.83 -22.98
C GLY C 157 35.57 38.61 -21.50
N GLU C 158 34.89 39.43 -20.69
CA GLU C 158 34.94 39.33 -19.24
C GLU C 158 33.74 38.60 -18.66
N LEU C 159 33.05 37.79 -19.46
CA LEU C 159 31.91 37.05 -18.97
C LEU C 159 32.32 36.06 -17.89
N ASP C 160 31.51 35.96 -16.84
CA ASP C 160 31.70 34.94 -15.81
C ASP C 160 31.02 33.68 -16.32
N ALA C 161 31.80 32.82 -16.98
CA ALA C 161 31.22 31.66 -17.67
C ALA C 161 30.45 30.77 -16.70
N GLU C 162 30.94 30.62 -15.47
CA GLU C 162 30.27 29.76 -14.50
C GLU C 162 28.92 30.34 -14.11
N ARG C 163 28.88 31.61 -13.72
CA ARG C 163 27.62 32.23 -13.33
C ARG C 163 26.67 32.38 -14.51
N ALA C 164 27.21 32.64 -15.71
CA ALA C 164 26.38 32.68 -16.90
C ALA C 164 25.78 31.31 -17.20
N ALA C 165 26.53 30.24 -16.93
CA ALA C 165 26.01 28.90 -17.13
C ALA C 165 24.87 28.61 -16.17
N VAL C 166 25.02 28.99 -14.90
CA VAL C 166 23.94 28.83 -13.93
C VAL C 166 22.71 29.60 -14.41
N ALA C 167 22.89 30.84 -14.85
CA ALA C 167 21.77 31.68 -15.25
C ALA C 167 21.02 31.07 -16.43
N MET C 168 21.74 30.67 -17.48
CA MET C 168 21.09 30.08 -18.64
C MET C 168 20.28 28.85 -18.25
N PHE C 169 20.91 27.92 -17.52
CA PHE C 169 20.23 26.70 -17.12
C PHE C 169 19.02 27.01 -16.24
N ALA C 170 19.15 27.96 -15.33
CA ALA C 170 18.01 28.36 -14.50
C ALA C 170 16.84 28.82 -15.38
N TYR C 171 17.14 29.64 -16.38
CA TYR C 171 16.10 30.13 -17.28
C TYR C 171 15.46 29.00 -18.06
N VAL C 172 16.29 28.15 -18.67
CA VAL C 172 15.77 27.04 -19.47
C VAL C 172 14.99 26.08 -18.57
N ASP C 173 15.54 25.75 -17.41
CA ASP C 173 14.87 24.83 -16.50
C ASP C 173 13.53 25.38 -16.04
N GLY C 174 13.49 26.66 -15.67
CA GLY C 174 12.23 27.26 -15.25
C GLY C 174 11.21 27.34 -16.37
N LEU C 175 11.67 27.63 -17.59
CA LEU C 175 10.75 27.73 -18.71
C LEU C 175 10.14 26.38 -19.06
N ILE C 176 10.94 25.30 -18.99
CA ILE C 176 10.42 23.98 -19.25
C ILE C 176 9.33 23.63 -18.24
N ARG C 177 9.61 23.86 -16.97
CA ARG C 177 8.62 23.55 -15.94
C ARG C 177 7.39 24.43 -16.05
N ARG C 178 7.56 25.68 -16.48
CA ARG C 178 6.42 26.55 -16.71
C ARG C 178 5.53 26.02 -17.83
N TRP C 179 6.14 25.50 -18.90
CA TRP C 179 5.36 24.94 -19.99
C TRP C 179 4.70 23.63 -19.58
N LEU C 180 5.38 22.83 -18.76
CA LEU C 180 4.81 21.57 -18.31
C LEU C 180 3.62 21.81 -17.39
N LEU C 181 3.69 22.86 -16.56
CA LEU C 181 2.63 23.16 -15.62
C LEU C 181 1.46 23.86 -16.30
N LEU C 182 1.76 24.85 -17.14
CA LEU C 182 0.74 25.67 -17.81
C LEU C 182 1.08 25.74 -19.29
N PRO C 183 0.81 24.68 -20.06
CA PRO C 183 1.19 24.68 -21.48
C PRO C 183 0.61 25.85 -22.26
N ASP C 184 -0.62 26.24 -21.97
CA ASP C 184 -1.29 27.31 -22.70
C ASP C 184 -0.83 28.70 -22.27
N SER C 185 0.16 28.79 -21.38
CA SER C 185 0.70 30.08 -20.97
C SER C 185 2.01 30.43 -21.67
N VAL C 186 2.63 29.47 -22.35
CA VAL C 186 3.88 29.70 -23.07
C VAL C 186 3.76 29.01 -24.42
N ASP C 187 3.73 29.80 -25.50
CA ASP C 187 3.79 29.24 -26.85
C ASP C 187 5.25 28.87 -27.15
N LEU C 188 5.70 27.82 -26.46
CA LEU C 188 7.10 27.44 -26.53
C LEU C 188 7.52 27.08 -27.94
N LEU C 189 6.62 26.48 -28.73
CA LEU C 189 6.98 26.08 -30.09
C LEU C 189 6.83 27.25 -31.07
N GLY C 190 5.75 28.02 -30.94
CA GLY C 190 5.52 29.09 -31.88
C GLY C 190 6.56 30.19 -31.80
N ASP C 191 6.96 30.57 -30.58
CA ASP C 191 7.96 31.61 -30.35
C ASP C 191 9.26 31.03 -29.81
N VAL C 192 9.59 29.79 -30.21
CA VAL C 192 10.78 29.13 -29.65
C VAL C 192 12.03 29.96 -29.86
N GLU C 193 12.11 30.67 -30.99
CA GLU C 193 13.28 31.49 -31.25
C GLU C 193 13.36 32.66 -30.28
N LYS C 194 12.22 33.32 -30.01
CA LYS C 194 12.20 34.39 -29.03
C LYS C 194 12.59 33.90 -27.64
N TRP C 195 12.22 32.67 -27.29
CA TRP C 195 12.48 32.15 -25.95
C TRP C 195 13.94 31.74 -25.78
N VAL C 196 14.55 31.18 -26.82
CA VAL C 196 15.98 30.85 -26.74
C VAL C 196 16.82 32.12 -26.73
N ASP C 197 16.48 33.09 -27.58
CA ASP C 197 17.26 34.32 -27.66
C ASP C 197 17.09 35.17 -26.40
N THR C 198 15.93 35.09 -25.75
CA THR C 198 15.75 35.82 -24.49
C THR C 198 16.80 35.41 -23.47
N GLY C 199 17.07 34.11 -23.35
CA GLY C 199 18.09 33.67 -22.43
C GLY C 199 19.49 34.00 -22.93
N LEU C 200 19.77 33.71 -24.20
CA LEU C 200 21.07 34.06 -24.76
C LEU C 200 21.33 35.55 -24.62
N ASP C 201 20.30 36.38 -24.81
CA ASP C 201 20.47 37.82 -24.63
C ASP C 201 20.90 38.15 -23.21
N MET C 202 20.38 37.41 -22.23
CA MET C 202 20.81 37.63 -20.85
C MET C 202 22.31 37.43 -20.71
N LEU C 203 22.84 36.35 -21.28
CA LEU C 203 24.26 36.05 -21.15
C LEU C 203 25.13 37.08 -21.84
N ARG C 204 24.68 37.57 -23.00
CA ARG C 204 25.49 38.46 -23.82
C ARG C 204 25.41 39.92 -23.41
N LEU C 205 24.34 40.32 -22.72
CA LEU C 205 24.10 41.73 -22.43
C LEU C 205 24.16 42.08 -20.95
N SER C 206 23.83 41.17 -20.06
CA SER C 206 23.71 41.50 -18.64
C SER C 206 25.06 41.90 -18.05
N PRO C 207 25.21 43.14 -17.55
CA PRO C 207 26.48 43.48 -16.88
C PRO C 207 26.68 42.73 -15.56
N ALA C 208 25.61 42.29 -14.91
CA ALA C 208 25.76 41.55 -13.66
C ALA C 208 26.50 40.23 -13.87
N LEU C 209 26.46 39.68 -15.08
CA LEU C 209 27.11 38.41 -15.39
C LEU C 209 28.57 38.58 -15.78
N ARG C 210 29.13 39.78 -15.66
CA ARG C 210 30.51 40.03 -16.00
C ARG C 210 31.37 40.02 -14.73
N LYS C 211 32.63 39.62 -14.90
CA LYS C 211 33.56 39.58 -13.77
C LYS C 211 33.94 41.00 -13.36
N ARG D 4 -7.32 26.39 26.88
CA ARG D 4 -7.91 27.57 27.51
C ARG D 4 -9.25 27.90 26.86
N ARG D 5 -9.19 28.46 25.65
CA ARG D 5 -10.36 28.78 24.86
C ARG D 5 -10.39 27.94 23.60
N THR D 6 -11.60 27.71 23.07
CA THR D 6 -11.76 26.82 21.94
C THR D 6 -10.91 27.27 20.75
N LYS D 7 -11.04 28.53 20.35
CA LYS D 7 -10.30 29.03 19.20
C LYS D 7 -8.79 28.92 19.44
N GLU D 8 -8.31 29.53 20.52
CA GLU D 8 -6.86 29.51 20.80
C GLU D 8 -6.32 28.09 20.83
N GLU D 9 -7.06 27.17 21.48
CA GLU D 9 -6.62 25.78 21.51
C GLU D 9 -6.56 25.18 20.11
N ALA D 10 -7.55 25.49 19.28
CA ALA D 10 -7.58 24.94 17.93
C ALA D 10 -6.43 25.48 17.08
N GLN D 11 -6.12 26.77 17.21
CA GLN D 11 -5.02 27.34 16.45
C GLN D 11 -3.70 26.67 16.82
N GLU D 12 -3.46 26.48 18.12
CA GLU D 12 -2.23 25.84 18.55
C GLU D 12 -2.14 24.42 18.01
N THR D 13 -3.24 23.67 18.07
CA THR D 13 -3.22 22.30 17.54
C THR D 13 -2.99 22.31 16.03
N ARG D 14 -3.60 23.25 15.32
CA ARG D 14 -3.38 23.35 13.88
C ARG D 14 -1.91 23.59 13.58
N ALA D 15 -1.28 24.51 14.32
CA ALA D 15 0.13 24.79 14.11
C ALA D 15 0.99 23.57 14.42
N GLN D 16 0.65 22.85 15.50
CA GLN D 16 1.34 21.60 15.79
C GLN D 16 1.25 20.65 14.60
N ILE D 17 0.06 20.52 14.01
CA ILE D 17 -0.13 19.61 12.90
C ILE D 17 0.68 20.05 11.69
N ILE D 18 0.60 21.33 11.34
CA ILE D 18 1.33 21.83 10.19
C ILE D 18 2.84 21.65 10.40
N GLU D 19 3.31 21.95 11.61
CA GLU D 19 4.73 21.76 11.91
C GLU D 19 5.14 20.30 11.71
N ALA D 20 4.35 19.37 12.22
CA ALA D 20 4.65 17.95 12.04
C ALA D 20 4.51 17.54 10.59
N ALA D 21 3.57 18.12 9.86
CA ALA D 21 3.42 17.81 8.45
C ALA D 21 4.70 18.14 7.68
N GLU D 22 5.33 19.27 8.00
CA GLU D 22 6.58 19.65 7.36
C GLU D 22 7.66 18.61 7.61
N ARG D 23 7.82 18.20 8.88
CA ARG D 23 8.83 17.21 9.21
C ARG D 23 8.57 15.89 8.49
N ALA D 24 7.31 15.44 8.50
CA ALA D 24 6.97 14.16 7.87
C ALA D 24 7.16 14.23 6.36
N PHE D 25 6.58 15.24 5.72
CA PHE D 25 6.74 15.40 4.28
C PHE D 25 8.22 15.51 3.91
N TYR D 26 9.00 16.22 4.73
CA TYR D 26 10.39 16.44 4.37
C TYR D 26 11.20 15.15 4.45
N LYS D 27 10.90 14.29 5.42
CA LYS D 27 11.68 13.07 5.59
C LYS D 27 11.21 11.96 4.67
N ARG D 28 9.90 11.78 4.54
CA ARG D 28 9.33 10.64 3.85
C ARG D 28 8.65 10.98 2.53
N GLY D 29 8.44 12.26 2.24
CA GLY D 29 7.74 12.65 1.04
C GLY D 29 6.24 12.65 1.23
N VAL D 30 5.56 13.40 0.37
CA VAL D 30 4.12 13.58 0.50
C VAL D 30 3.37 12.31 0.10
N ALA D 31 3.89 11.58 -0.89
CA ALA D 31 3.15 10.46 -1.46
C ALA D 31 2.84 9.40 -0.41
N ARG D 32 3.84 9.01 0.38
CA ARG D 32 3.71 7.88 1.29
C ARG D 32 3.35 8.28 2.71
N THR D 33 3.26 9.58 3.00
CA THR D 33 2.89 10.06 4.32
C THR D 33 1.37 10.10 4.43
N THR D 34 0.85 9.59 5.55
CA THR D 34 -0.58 9.63 5.84
C THR D 34 -0.85 10.63 6.95
N LEU D 35 -2.10 11.08 7.03
CA LEU D 35 -2.50 11.95 8.13
C LEU D 35 -2.33 11.25 9.47
N ALA D 36 -2.50 9.93 9.49
CA ALA D 36 -2.27 9.17 10.73
C ALA D 36 -0.82 9.29 11.18
N ASP D 37 0.13 9.18 10.24
CA ASP D 37 1.53 9.38 10.58
C ASP D 37 1.75 10.78 11.13
N ILE D 38 1.20 11.80 10.46
CA ILE D 38 1.40 13.18 10.90
C ILE D 38 0.79 13.40 12.28
N ALA D 39 -0.37 12.79 12.53
CA ALA D 39 -1.00 12.91 13.84
C ALA D 39 -0.08 12.36 14.93
N GLU D 40 0.48 11.17 14.71
CA GLU D 40 1.37 10.59 15.71
C GLU D 40 2.60 11.46 15.94
N LEU D 41 3.18 12.00 14.87
CA LEU D 41 4.33 12.88 15.03
C LEU D 41 3.95 14.16 15.75
N ALA D 42 2.76 14.70 15.44
CA ALA D 42 2.30 15.94 16.07
C ALA D 42 1.82 15.73 17.50
N GLY D 43 1.65 14.48 17.94
CA GLY D 43 1.12 14.23 19.27
C GLY D 43 -0.34 14.57 19.42
N VAL D 44 -1.11 14.47 18.34
CA VAL D 44 -2.55 14.71 18.37
C VAL D 44 -3.26 13.41 17.98
N THR D 45 -4.55 13.35 18.31
CA THR D 45 -5.34 12.18 17.97
C THR D 45 -5.69 12.18 16.48
N ARG D 46 -6.10 11.02 15.99
CA ARG D 46 -6.49 10.92 14.59
C ARG D 46 -7.76 11.71 14.32
N GLY D 47 -8.69 11.74 15.27
CA GLY D 47 -9.85 12.59 15.11
C GLY D 47 -9.48 14.06 15.02
N ALA D 48 -8.50 14.49 15.82
CA ALA D 48 -8.10 15.88 15.80
C ALA D 48 -7.57 16.29 14.43
N ILE D 49 -6.66 15.51 13.87
CA ILE D 49 -6.07 15.89 12.59
C ILE D 49 -7.12 15.87 11.48
N TYR D 50 -8.03 14.89 11.53
CA TYR D 50 -9.06 14.81 10.49
C TYR D 50 -10.12 15.88 10.64
N TRP D 51 -10.18 16.56 11.79
CA TRP D 51 -11.09 17.68 11.92
C TRP D 51 -10.48 18.98 11.40
N HIS D 52 -9.15 19.11 11.49
CA HIS D 52 -8.47 20.30 10.96
C HIS D 52 -8.21 20.18 9.46
N PHE D 53 -7.98 18.98 8.95
CA PHE D 53 -7.70 18.76 7.54
C PHE D 53 -8.36 17.47 7.10
N ASN D 54 -9.10 17.54 5.99
CA ASN D 54 -9.83 16.38 5.49
C ASN D 54 -8.94 15.40 4.74
N ASN D 55 -7.81 15.85 4.21
CA ASN D 55 -6.93 14.98 3.43
C ASN D 55 -5.56 15.62 3.33
N LYS D 56 -4.63 14.89 2.73
CA LYS D 56 -3.25 15.35 2.62
C LYS D 56 -3.12 16.61 1.77
N ALA D 57 -4.02 16.80 0.81
CA ALA D 57 -3.88 17.92 -0.10
C ALA D 57 -4.17 19.25 0.59
N GLU D 58 -5.13 19.27 1.50
CA GLU D 58 -5.39 20.47 2.29
C GLU D 58 -4.17 20.87 3.10
N LEU D 59 -3.39 19.90 3.59
CA LEU D 59 -2.19 20.21 4.34
C LEU D 59 -1.13 20.82 3.45
N VAL D 60 -0.90 20.22 2.27
CA VAL D 60 0.07 20.79 1.33
C VAL D 60 -0.33 22.22 0.98
N GLN D 61 -1.61 22.45 0.70
CA GLN D 61 -2.08 23.81 0.40
C GLN D 61 -1.76 24.75 1.56
N ALA D 62 -1.96 24.29 2.79
CA ALA D 62 -1.62 25.13 3.95
C ALA D 62 -0.16 25.58 3.89
N LEU D 63 0.74 24.63 3.66
CA LEU D 63 2.16 24.99 3.53
C LEU D 63 2.38 25.92 2.35
N LEU D 64 1.73 25.63 1.21
CA LEU D 64 1.85 26.51 0.05
C LEU D 64 1.34 27.91 0.34
N ASP D 65 0.20 28.01 1.03
CA ASP D 65 -0.36 29.32 1.35
C ASP D 65 0.59 30.13 2.22
N SER D 66 1.39 29.48 3.04
CA SER D 66 2.28 30.16 3.98
C SER D 66 3.48 30.82 3.30
N LEU D 67 3.66 30.66 1.99
CA LEU D 67 4.85 31.16 1.33
C LEU D 67 4.71 32.63 0.94
N HIS D 68 3.70 32.96 0.14
CA HIS D 68 3.44 34.33 -0.28
C HIS D 68 2.86 35.17 0.86
N GLU D 69 3.31 34.91 2.07
CA GLU D 69 2.65 35.36 3.29
C GLU D 69 3.50 36.32 4.09
N THR D 70 4.83 36.16 4.07
CA THR D 70 5.73 37.18 4.57
C THR D 70 5.93 38.32 3.57
N HIS D 71 5.72 38.05 2.29
CA HIS D 71 6.05 38.98 1.21
C HIS D 71 4.90 39.92 0.84
N ASP D 72 3.85 39.99 1.67
CA ASP D 72 2.66 40.73 1.27
C ASP D 72 2.98 42.19 0.95
N HIS D 73 3.91 42.79 1.70
CA HIS D 73 4.19 44.21 1.52
C HIS D 73 4.71 44.49 0.12
N LEU D 74 5.85 43.91 -0.24
CA LEU D 74 6.39 44.11 -1.58
C LEU D 74 5.47 43.52 -2.64
N LEU D 75 4.70 42.49 -2.29
CA LEU D 75 3.70 41.95 -3.20
C LEU D 75 2.84 43.07 -3.77
N ARG D 76 2.16 43.81 -2.90
CA ARG D 76 1.23 44.84 -3.37
C ARG D 76 1.93 46.16 -3.72
N ALA D 77 3.10 46.43 -3.14
CA ALA D 77 3.77 47.71 -3.40
C ALA D 77 4.15 47.82 -4.87
N SER D 78 4.75 46.78 -5.43
CA SER D 78 5.21 46.84 -6.81
C SER D 78 4.07 46.79 -7.82
N GLU D 79 2.91 46.24 -7.43
CA GLU D 79 1.77 46.15 -8.33
C GLU D 79 0.90 47.40 -8.33
N SER D 80 1.16 48.35 -7.43
CA SER D 80 0.32 49.53 -7.32
C SER D 80 0.66 50.52 -8.43
N GLU D 81 -0.36 51.04 -9.10
CA GLU D 81 -0.14 52.05 -10.12
C GLU D 81 0.42 53.34 -9.52
N ASP D 82 0.08 53.63 -8.26
CA ASP D 82 0.57 54.82 -7.60
C ASP D 82 2.02 54.69 -7.13
N GLU D 83 2.60 53.51 -7.22
CA GLU D 83 3.99 53.33 -6.81
C GLU D 83 4.91 54.06 -7.78
N VAL D 84 5.78 54.91 -7.23
CA VAL D 84 6.60 55.78 -8.06
C VAL D 84 7.77 55.04 -8.68
N ASP D 85 8.25 53.99 -8.02
CA ASP D 85 9.47 53.29 -8.43
C ASP D 85 9.20 51.79 -8.46
N PRO D 86 8.31 51.34 -9.34
CA PRO D 86 7.92 49.92 -9.32
C PRO D 86 9.05 48.96 -9.60
N LEU D 87 9.99 49.31 -10.47
CA LEU D 87 11.08 48.39 -10.79
C LEU D 87 11.97 48.17 -9.57
N GLY D 88 12.65 49.22 -9.13
CA GLY D 88 13.45 49.11 -7.91
C GLY D 88 12.63 48.60 -6.75
N CYS D 89 11.34 48.88 -6.75
CA CYS D 89 10.47 48.30 -5.74
C CYS D 89 10.22 46.82 -6.02
N MET D 90 10.22 46.42 -7.29
CA MET D 90 10.20 45.00 -7.62
C MET D 90 11.49 44.32 -7.17
N ARG D 91 12.61 45.02 -7.28
CA ARG D 91 13.91 44.44 -6.92
C ARG D 91 13.95 44.05 -5.44
N LYS D 92 13.35 44.87 -4.57
CA LYS D 92 13.33 44.55 -3.15
C LYS D 92 12.57 43.25 -2.89
N LEU D 93 11.53 42.98 -3.68
CA LEU D 93 10.78 41.74 -3.51
C LEU D 93 11.67 40.52 -3.76
N TRP D 94 12.26 40.45 -4.95
CA TRP D 94 13.08 39.30 -5.29
C TRP D 94 14.27 39.17 -4.35
N LEU D 95 14.85 40.31 -3.93
CA LEU D 95 15.89 40.26 -2.92
C LEU D 95 15.38 39.62 -1.64
N GLN D 96 14.17 39.98 -1.21
CA GLN D 96 13.60 39.40 0.00
C GLN D 96 13.22 37.94 -0.22
N VAL D 97 12.70 37.62 -1.40
CA VAL D 97 12.36 36.23 -1.71
C VAL D 97 13.59 35.34 -1.56
N PHE D 98 14.72 35.77 -2.12
CA PHE D 98 15.93 34.98 -2.04
C PHE D 98 16.51 35.00 -0.62
N ASN D 99 16.40 36.13 0.08
CA ASN D 99 16.92 36.21 1.43
C ASN D 99 16.17 35.26 2.36
N GLU D 100 14.84 35.26 2.27
CA GLU D 100 14.06 34.37 3.13
C GLU D 100 14.37 32.91 2.84
N LEU D 101 14.52 32.56 1.55
CA LEU D 101 14.80 31.18 1.18
C LEU D 101 16.07 30.67 1.84
N VAL D 102 17.15 31.45 1.77
CA VAL D 102 18.44 30.98 2.26
C VAL D 102 18.54 31.12 3.78
N LEU D 103 17.83 32.08 4.37
CA LEU D 103 17.93 32.29 5.81
C LEU D 103 16.87 31.53 6.59
N ASP D 104 15.66 31.40 6.07
CA ASP D 104 14.54 30.83 6.80
C ASP D 104 14.50 29.31 6.56
N ALA D 105 14.77 28.54 7.60
CA ALA D 105 14.70 27.09 7.49
C ALA D 105 13.31 26.64 7.08
N ARG D 106 12.27 27.32 7.57
CA ARG D 106 10.90 26.91 7.27
C ARG D 106 10.59 27.09 5.78
N THR D 107 10.86 28.29 5.24
CA THR D 107 10.62 28.54 3.83
C THR D 107 11.40 27.57 2.95
N ARG D 108 12.67 27.33 3.28
CA ARG D 108 13.46 26.39 2.50
C ARG D 108 12.85 24.99 2.54
N ARG D 109 12.54 24.51 3.75
CA ARG D 109 11.98 23.17 3.86
C ARG D 109 10.66 23.05 3.12
N ILE D 110 9.81 24.08 3.20
CA ILE D 110 8.53 24.03 2.49
C ILE D 110 8.77 23.98 0.98
N MET D 111 9.61 24.87 0.47
CA MET D 111 9.89 24.86 -0.97
C MET D 111 10.49 23.54 -1.41
N GLU D 112 11.36 22.96 -0.57
CA GLU D 112 11.92 21.64 -0.90
C GLU D 112 10.82 20.58 -0.94
N ILE D 113 9.85 20.68 -0.03
CA ILE D 113 8.73 19.73 -0.07
C ILE D 113 7.96 19.89 -1.37
N LEU D 114 7.58 21.12 -1.71
CA LEU D 114 6.72 21.35 -2.86
C LEU D 114 7.41 20.98 -4.16
N PHE D 115 8.68 21.37 -4.32
CA PHE D 115 9.38 21.17 -5.59
C PHE D 115 10.00 19.79 -5.71
N HIS D 116 10.40 19.16 -4.61
CA HIS D 116 11.20 17.96 -4.67
C HIS D 116 10.64 16.78 -3.88
N LYS D 117 9.53 16.94 -3.15
CA LYS D 117 8.97 15.83 -2.39
C LYS D 117 7.46 15.73 -2.56
N CYS D 118 6.90 16.31 -3.61
CA CYS D 118 5.47 16.32 -3.84
C CYS D 118 5.21 15.94 -5.29
N GLU D 119 4.49 14.83 -5.49
CA GLU D 119 4.24 14.29 -6.82
C GLU D 119 2.87 14.73 -7.31
N PHE D 120 2.79 15.02 -8.61
CA PHE D 120 1.52 15.24 -9.29
C PHE D 120 0.99 13.89 -9.76
N THR D 121 -0.07 13.40 -9.12
CA THR D 121 -0.70 12.14 -9.53
C THR D 121 -2.20 12.32 -9.51
N ASP D 122 -2.89 11.50 -10.31
CA ASP D 122 -4.34 11.56 -10.39
C ASP D 122 -4.99 11.25 -9.05
N ASP D 123 -4.26 10.61 -8.13
CA ASP D 123 -4.82 10.30 -6.82
C ASP D 123 -4.95 11.54 -5.94
N MET D 124 -4.27 12.64 -6.29
CA MET D 124 -4.33 13.90 -5.56
C MET D 124 -4.16 15.01 -6.59
N CYS D 125 -5.16 15.14 -7.48
CA CYS D 125 -5.06 16.06 -8.60
C CYS D 125 -5.03 17.52 -8.18
N GLU D 126 -5.57 17.85 -7.00
CA GLU D 126 -5.60 19.25 -6.57
C GLU D 126 -4.21 19.77 -6.22
N ILE D 127 -3.22 18.91 -6.05
CA ILE D 127 -1.85 19.39 -5.83
C ILE D 127 -1.36 20.15 -7.05
N ARG D 128 -1.57 19.57 -8.24
CA ARG D 128 -1.14 20.25 -9.46
C ARG D 128 -2.04 21.44 -9.77
N GLN D 129 -3.34 21.31 -9.51
CA GLN D 129 -4.25 22.42 -9.77
C GLN D 129 -3.92 23.63 -8.90
N GLN D 130 -3.66 23.39 -7.61
CA GLN D 130 -3.30 24.49 -6.72
C GLN D 130 -1.97 25.11 -7.15
N ARG D 131 -1.03 24.28 -7.60
CA ARG D 131 0.22 24.80 -8.12
C ARG D 131 -0.02 25.64 -9.37
N GLN D 132 -0.93 25.21 -10.23
CA GLN D 132 -1.28 26.00 -11.40
C GLN D 132 -1.86 27.35 -11.00
N SER D 133 -2.75 27.36 -10.02
CA SER D 133 -3.37 28.62 -9.59
C SER D 133 -2.34 29.58 -9.01
N ALA D 134 -1.43 29.06 -8.19
CA ALA D 134 -0.45 29.94 -7.54
C ALA D 134 0.50 30.58 -8.55
N VAL D 135 0.94 29.80 -9.55
CA VAL D 135 1.83 30.36 -10.56
C VAL D 135 1.08 31.38 -11.41
N LEU D 136 -0.14 31.07 -11.83
CA LEU D 136 -0.93 32.02 -12.60
C LEU D 136 -1.18 33.29 -11.78
N ASP D 137 -1.47 33.13 -10.49
CA ASP D 137 -1.67 34.31 -9.64
C ASP D 137 -0.41 35.16 -9.59
N CYS D 138 0.75 34.53 -9.39
CA CYS D 138 1.99 35.28 -9.35
C CYS D 138 2.31 35.90 -10.70
N HIS D 139 2.04 35.16 -11.79
CA HIS D 139 2.26 35.72 -13.12
C HIS D 139 1.43 37.00 -13.31
N LYS D 140 0.17 36.98 -12.86
CA LYS D 140 -0.65 38.17 -12.93
C LYS D 140 0.08 39.36 -12.30
N GLY D 141 0.61 39.18 -11.09
CA GLY D 141 1.24 40.29 -10.40
C GLY D 141 2.52 40.77 -11.08
N ILE D 142 3.33 39.84 -11.58
CA ILE D 142 4.59 40.23 -12.20
C ILE D 142 4.34 41.01 -13.48
N THR D 143 3.53 40.46 -14.39
CA THR D 143 3.11 41.20 -15.57
C THR D 143 2.64 42.60 -15.20
N LEU D 144 1.98 42.71 -14.06
CA LEU D 144 1.28 43.90 -13.60
C LEU D 144 2.20 44.85 -12.85
N ALA D 145 3.31 44.33 -12.29
CA ALA D 145 4.37 45.19 -11.77
C ALA D 145 5.29 45.67 -12.90
N LEU D 146 5.60 44.80 -13.85
CA LEU D 146 6.41 45.19 -15.00
C LEU D 146 5.74 46.31 -15.79
N ALA D 147 4.42 46.20 -16.00
CA ALA D 147 3.72 47.21 -16.78
C ALA D 147 3.85 48.59 -16.15
N ASN D 148 3.81 48.66 -14.81
CA ASN D 148 3.99 49.95 -14.15
C ASN D 148 5.37 50.52 -14.44
N ALA D 149 6.41 49.69 -14.37
CA ALA D 149 7.75 50.16 -14.65
C ALA D 149 7.87 50.68 -16.08
N VAL D 150 7.22 50.00 -17.03
CA VAL D 150 7.21 50.49 -18.40
C VAL D 150 6.55 51.87 -18.46
N ARG D 151 5.34 51.97 -17.93
CA ARG D 151 4.62 53.24 -17.96
C ARG D 151 5.41 54.33 -17.26
N ARG D 152 6.13 53.98 -16.20
CA ARG D 152 6.97 54.94 -15.48
C ARG D 152 8.30 55.19 -16.18
N GLY D 153 8.49 54.67 -17.39
CA GLY D 153 9.73 54.87 -18.11
C GLY D 153 10.90 54.08 -17.59
N GLN D 154 10.68 53.14 -16.68
CA GLN D 154 11.76 52.37 -16.10
C GLN D 154 12.13 51.15 -16.94
N LEU D 155 11.26 50.70 -17.80
CA LEU D 155 11.51 49.59 -18.71
C LEU D 155 11.23 50.01 -20.14
N PRO D 156 11.79 49.29 -21.12
CA PRO D 156 11.54 49.65 -22.52
C PRO D 156 10.05 49.78 -22.81
N GLY D 157 9.71 50.81 -23.59
CA GLY D 157 8.31 51.08 -23.87
C GLY D 157 7.60 49.95 -24.58
N GLU D 158 8.31 49.20 -25.43
CA GLU D 158 7.73 48.12 -26.21
C GLU D 158 8.00 46.76 -25.60
N LEU D 159 8.23 46.69 -24.30
CA LEU D 159 8.41 45.40 -23.64
C LEU D 159 7.13 44.60 -23.69
N ASP D 160 7.27 43.29 -23.87
CA ASP D 160 6.13 42.37 -23.83
C ASP D 160 5.94 41.96 -22.38
N ALA D 161 5.10 42.72 -21.67
CA ALA D 161 4.95 42.52 -20.23
C ALA D 161 4.63 41.07 -19.88
N GLU D 162 3.78 40.42 -20.68
CA GLU D 162 3.43 39.04 -20.41
C GLU D 162 4.66 38.13 -20.55
N ARG D 163 5.33 38.20 -21.70
CA ARG D 163 6.48 37.33 -21.94
C ARG D 163 7.63 37.63 -21.00
N ALA D 164 7.83 38.91 -20.66
CA ALA D 164 8.87 39.26 -19.70
C ALA D 164 8.54 38.72 -18.30
N ALA D 165 7.26 38.71 -17.94
CA ALA D 165 6.88 38.14 -16.66
C ALA D 165 7.19 36.65 -16.60
N VAL D 166 6.89 35.93 -17.68
CA VAL D 166 7.23 34.51 -17.74
C VAL D 166 8.73 34.31 -17.63
N ALA D 167 9.49 35.09 -18.41
CA ALA D 167 10.94 34.97 -18.39
C ALA D 167 11.50 35.17 -16.99
N MET D 168 11.13 36.28 -16.35
CA MET D 168 11.60 36.55 -14.98
C MET D 168 11.24 35.38 -14.07
N PHE D 169 9.97 34.95 -14.11
CA PHE D 169 9.53 33.87 -13.24
C PHE D 169 10.32 32.60 -13.50
N ALA D 170 10.51 32.25 -14.78
CA ALA D 170 11.28 31.06 -15.11
C ALA D 170 12.70 31.14 -14.56
N TYR D 171 13.33 32.31 -14.68
CA TYR D 171 14.69 32.47 -14.19
C TYR D 171 14.74 32.29 -12.67
N VAL D 172 13.87 32.99 -11.95
CA VAL D 172 13.85 32.88 -10.49
C VAL D 172 13.50 31.46 -10.06
N ASP D 173 12.51 30.86 -10.70
CA ASP D 173 12.11 29.51 -10.34
C ASP D 173 13.26 28.52 -10.51
N GLY D 174 13.94 28.59 -11.66
CA GLY D 174 15.03 27.68 -11.91
C GLY D 174 16.22 27.93 -10.98
N LEU D 175 16.48 29.18 -10.66
CA LEU D 175 17.59 29.49 -9.75
C LEU D 175 17.32 28.94 -8.36
N ILE D 176 16.11 29.13 -7.85
CA ILE D 176 15.77 28.59 -6.55
C ILE D 176 16.00 27.09 -6.51
N ARG D 177 15.50 26.37 -7.52
CA ARG D 177 15.62 24.92 -7.52
C ARG D 177 17.07 24.48 -7.69
N ARG D 178 17.85 25.24 -8.46
CA ARG D 178 19.29 24.95 -8.54
C ARG D 178 19.95 25.10 -7.18
N TRP D 179 19.59 26.13 -6.43
CA TRP D 179 20.16 26.32 -5.10
C TRP D 179 19.68 25.23 -4.15
N LEU D 180 18.42 24.81 -4.27
CA LEU D 180 17.93 23.73 -3.42
C LEU D 180 18.63 22.42 -3.72
N LEU D 181 18.93 22.17 -5.00
CA LEU D 181 19.59 20.93 -5.38
C LEU D 181 21.09 20.99 -5.13
N LEU D 182 21.73 22.13 -5.44
CA LEU D 182 23.18 22.29 -5.33
C LEU D 182 23.47 23.62 -4.66
N PRO D 183 23.33 23.70 -3.34
CA PRO D 183 23.51 24.99 -2.66
C PRO D 183 24.86 25.63 -2.90
N ASP D 184 25.95 24.85 -2.81
CA ASP D 184 27.29 25.42 -2.96
C ASP D 184 27.55 25.94 -4.37
N SER D 185 26.69 25.63 -5.34
CA SER D 185 26.91 26.11 -6.70
C SER D 185 26.41 27.54 -6.91
N VAL D 186 25.61 28.06 -5.99
CA VAL D 186 25.07 29.42 -6.09
C VAL D 186 25.21 30.06 -4.72
N ASP D 187 26.06 31.09 -4.62
CA ASP D 187 26.16 31.89 -3.41
C ASP D 187 24.99 32.85 -3.40
N LEU D 188 23.82 32.32 -3.05
CA LEU D 188 22.58 33.08 -3.18
C LEU D 188 22.51 34.23 -2.19
N LEU D 189 23.19 34.12 -1.05
CA LEU D 189 23.19 35.19 -0.07
C LEU D 189 24.29 36.22 -0.32
N GLY D 190 25.48 35.77 -0.69
CA GLY D 190 26.58 36.70 -0.92
C GLY D 190 26.45 37.47 -2.21
N ASP D 191 25.88 36.86 -3.25
CA ASP D 191 25.72 37.48 -4.56
C ASP D 191 24.26 37.75 -4.88
N VAL D 192 23.41 37.90 -3.86
CA VAL D 192 21.98 38.01 -4.08
C VAL D 192 21.68 39.15 -5.06
N GLU D 193 22.39 40.27 -4.92
CA GLU D 193 22.14 41.40 -5.80
C GLU D 193 22.47 41.05 -7.25
N LYS D 194 23.63 40.42 -7.47
CA LYS D 194 24.01 40.03 -8.83
C LYS D 194 23.00 39.08 -9.43
N TRP D 195 22.48 38.14 -8.64
CA TRP D 195 21.56 37.15 -9.18
C TRP D 195 20.21 37.77 -9.51
N VAL D 196 19.75 38.72 -8.68
CA VAL D 196 18.52 39.44 -9.01
C VAL D 196 18.75 40.34 -10.22
N ASP D 197 19.86 41.08 -10.22
CA ASP D 197 20.12 42.00 -11.33
C ASP D 197 20.32 41.26 -12.64
N THR D 198 20.85 40.03 -12.59
CA THR D 198 20.98 39.24 -13.81
C THR D 198 19.62 39.01 -14.45
N GLY D 199 18.62 38.67 -13.65
CA GLY D 199 17.28 38.48 -14.20
C GLY D 199 16.65 39.78 -14.65
N LEU D 200 16.76 40.84 -13.84
CA LEU D 200 16.25 42.13 -14.25
C LEU D 200 16.95 42.62 -15.52
N ASP D 201 18.26 42.38 -15.62
CA ASP D 201 18.98 42.77 -16.83
C ASP D 201 18.38 42.10 -18.06
N MET D 202 17.94 40.85 -17.92
CA MET D 202 17.34 40.15 -19.06
C MET D 202 16.07 40.86 -19.52
N LEU D 203 15.21 41.25 -18.57
CA LEU D 203 13.91 41.80 -18.94
C LEU D 203 14.07 43.08 -19.73
N ARG D 204 14.84 44.03 -19.22
CA ARG D 204 14.94 45.31 -19.90
C ARG D 204 15.86 45.20 -21.11
N LEU D 205 16.98 44.51 -21.01
CA LEU D 205 17.97 44.59 -22.07
C LEU D 205 17.63 43.71 -23.27
N SER D 206 16.99 42.57 -23.06
CA SER D 206 16.78 41.61 -24.15
C SER D 206 15.83 42.17 -25.20
N PRO D 207 16.24 42.32 -26.46
CA PRO D 207 15.29 42.76 -27.49
C PRO D 207 14.26 41.70 -27.83
N ALA D 208 14.52 40.42 -27.55
CA ALA D 208 13.56 39.37 -27.84
C ALA D 208 12.29 39.50 -27.01
N LEU D 209 12.36 40.18 -25.86
CA LEU D 209 11.22 40.34 -24.99
C LEU D 209 10.36 41.54 -25.35
N ARG D 210 10.64 42.18 -26.48
CA ARG D 210 9.87 43.34 -26.94
C ARG D 210 9.01 42.96 -28.13
N LYS D 211 7.83 43.59 -28.21
CA LYS D 211 6.91 43.36 -29.31
C LYS D 211 7.38 44.07 -30.57
#